data_2WNM
# 
_entry.id   2WNM 
# 
_audit_conform.dict_name       mmcif_pdbx.dic 
_audit_conform.dict_version    5.392 
_audit_conform.dict_location   http://mmcif.pdb.org/dictionaries/ascii/mmcif_pdbx.dic 
# 
loop_
_database_2.database_id 
_database_2.database_code 
_database_2.pdbx_database_accession 
_database_2.pdbx_DOI 
PDB   2WNM         pdb_00002wnm 10.2210/pdb2wnm/pdb 
PDBE  EBI-40361    ?            ?                   
WWPDB D_1290040361 ?            ?                   
# 
loop_
_pdbx_audit_revision_history.ordinal 
_pdbx_audit_revision_history.data_content_type 
_pdbx_audit_revision_history.major_revision 
_pdbx_audit_revision_history.minor_revision 
_pdbx_audit_revision_history.revision_date 
1 'Structure model' 1 0 2010-02-16 
2 'Structure model' 1 1 2011-05-08 
3 'Structure model' 1 2 2011-07-13 
4 'Structure model' 1 3 2024-05-15 
# 
_pdbx_audit_revision_details.ordinal             1 
_pdbx_audit_revision_details.revision_ordinal    1 
_pdbx_audit_revision_details.data_content_type   'Structure model' 
_pdbx_audit_revision_details.provider            repository 
_pdbx_audit_revision_details.type                'Initial release' 
_pdbx_audit_revision_details.description         ? 
_pdbx_audit_revision_details.details             ? 
# 
loop_
_pdbx_audit_revision_group.ordinal 
_pdbx_audit_revision_group.revision_ordinal 
_pdbx_audit_revision_group.data_content_type 
_pdbx_audit_revision_group.group 
1 2 'Structure model' 'Version format compliance' 
2 3 'Structure model' 'Version format compliance' 
3 4 'Structure model' 'Data collection'           
4 4 'Structure model' 'Database references'       
5 4 'Structure model' Other                       
# 
loop_
_pdbx_audit_revision_category.ordinal 
_pdbx_audit_revision_category.revision_ordinal 
_pdbx_audit_revision_category.data_content_type 
_pdbx_audit_revision_category.category 
1 4 'Structure model' chem_comp_atom        
2 4 'Structure model' chem_comp_bond        
3 4 'Structure model' database_2            
4 4 'Structure model' pdbx_database_status  
5 4 'Structure model' pdbx_nmr_spectrometer 
# 
loop_
_pdbx_audit_revision_item.ordinal 
_pdbx_audit_revision_item.revision_ordinal 
_pdbx_audit_revision_item.data_content_type 
_pdbx_audit_revision_item.item 
1 4 'Structure model' '_database_2.pdbx_DOI'                 
2 4 'Structure model' '_database_2.pdbx_database_accession'  
3 4 'Structure model' '_pdbx_database_status.status_code_mr' 
4 4 'Structure model' '_pdbx_nmr_spectrometer.model'         
# 
_pdbx_database_status.status_code                     REL 
_pdbx_database_status.entry_id                        2WNM 
_pdbx_database_status.deposit_site                    PDBE 
_pdbx_database_status.process_site                    PDBE 
_pdbx_database_status.SG_entry                        . 
_pdbx_database_status.recvd_initial_deposition_date   2009-07-13 
_pdbx_database_status.pdb_format_compatible           Y 
_pdbx_database_status.status_code_sf                  ? 
_pdbx_database_status.status_code_mr                  REL 
_pdbx_database_status.status_code_cs                  ? 
_pdbx_database_status.methods_development_category    ? 
_pdbx_database_status.status_code_nmr_data            ? 
# 
loop_
_audit_author.name 
_audit_author.pdbx_ordinal 
'Camara, B.'           1  
'Liu, M.'              2  
'Shadrinc, A.'         3  
'Liu, B.'              4  
'Simpson, P.'          5  
'Weinzierl, R.'        6  
'Severinovc, K.'       7  
'Cota, E.'             8  
'Matthews, S.'         9  
'Wigneshweraraj, S.R.' 10 
# 
_citation.id                        primary 
_citation.title                     
;T7 Phage Protein Gp2 Inhibits the Escherichia Coli RNA Polymerase by Antagonizing Stable DNA Strand Separation Near the Transcription Start Site.
;
_citation.journal_abbrev            Proc.Natl.Acad.Sci.USA 
_citation.journal_volume            107 
_citation.page_first                2247 
_citation.page_last                 ? 
_citation.year                      2010 
_citation.journal_id_ASTM           PNASA6 
_citation.country                   US 
_citation.journal_id_ISSN           0027-8424 
_citation.journal_id_CSD            0040 
_citation.book_publisher            ? 
_citation.pdbx_database_id_PubMed   20133868 
_citation.pdbx_database_id_DOI      10.1073/PNAS.0907908107 
# 
loop_
_citation_author.citation_id 
_citation_author.name 
_citation_author.ordinal 
_citation_author.identifier_ORCID 
primary 'Camara, B.'           1  ? 
primary 'Liu, M.'              2  ? 
primary 'Reynolds, J.'         3  ? 
primary 'Shadrin, A.'          4  ? 
primary 'Liu, B.'              5  ? 
primary 'Kwok, K.'             6  ? 
primary 'Simpson, P.'          7  ? 
primary 'Weinzierl, R.'        8  ? 
primary 'Severinov, K.'        9  ? 
primary 'Cota, E.'             10 ? 
primary 'Matthews, S.'         11 ? 
primary 'Wigneshweraraj, S.R.' 12 ? 
# 
_entity.id                         1 
_entity.type                       polymer 
_entity.src_method                 man 
_entity.pdbx_description           'GENE 2' 
_entity.formula_weight             7180.985 
_entity.pdbx_number_of_molecules   1 
_entity.pdbx_ec                    ? 
_entity.pdbx_mutation              ? 
_entity.pdbx_fragment              ? 
_entity.details                    ? 
# 
_entity_name_com.entity_id   1 
_entity_name_com.name        GP2 
# 
_entity_poly.entity_id                      1 
_entity_poly.type                           'polypeptide(L)' 
_entity_poly.nstd_linkage                   no 
_entity_poly.nstd_monomer                   no 
_entity_poly.pdbx_seq_one_letter_code       MSNVNTGSLSVDNKKFWATVESSEHSFEVPIYAETLDEALELAEWQYVPAGFEVTRVRPCVAPK 
_entity_poly.pdbx_seq_one_letter_code_can   MSNVNTGSLSVDNKKFWATVESSEHSFEVPIYAETLDEALELAEWQYVPAGFEVTRVRPCVAPK 
_entity_poly.pdbx_strand_id                 A 
_entity_poly.pdbx_target_identifier         ? 
# 
loop_
_entity_poly_seq.entity_id 
_entity_poly_seq.num 
_entity_poly_seq.mon_id 
_entity_poly_seq.hetero 
1 1  MET n 
1 2  SER n 
1 3  ASN n 
1 4  VAL n 
1 5  ASN n 
1 6  THR n 
1 7  GLY n 
1 8  SER n 
1 9  LEU n 
1 10 SER n 
1 11 VAL n 
1 12 ASP n 
1 13 ASN n 
1 14 LYS n 
1 15 LYS n 
1 16 PHE n 
1 17 TRP n 
1 18 ALA n 
1 19 THR n 
1 20 VAL n 
1 21 GLU n 
1 22 SER n 
1 23 SER n 
1 24 GLU n 
1 25 HIS n 
1 26 SER n 
1 27 PHE n 
1 28 GLU n 
1 29 VAL n 
1 30 PRO n 
1 31 ILE n 
1 32 TYR n 
1 33 ALA n 
1 34 GLU n 
1 35 THR n 
1 36 LEU n 
1 37 ASP n 
1 38 GLU n 
1 39 ALA n 
1 40 LEU n 
1 41 GLU n 
1 42 LEU n 
1 43 ALA n 
1 44 GLU n 
1 45 TRP n 
1 46 GLN n 
1 47 TYR n 
1 48 VAL n 
1 49 PRO n 
1 50 ALA n 
1 51 GLY n 
1 52 PHE n 
1 53 GLU n 
1 54 VAL n 
1 55 THR n 
1 56 ARG n 
1 57 VAL n 
1 58 ARG n 
1 59 PRO n 
1 60 CYS n 
1 61 VAL n 
1 62 ALA n 
1 63 PRO n 
1 64 LYS n 
# 
_entity_src_gen.entity_id                          1 
_entity_src_gen.pdbx_src_id                        1 
_entity_src_gen.pdbx_alt_source_flag               sample 
_entity_src_gen.pdbx_seq_type                      ? 
_entity_src_gen.pdbx_beg_seq_num                   ? 
_entity_src_gen.pdbx_end_seq_num                   ? 
_entity_src_gen.gene_src_common_name               ? 
_entity_src_gen.gene_src_genus                     ? 
_entity_src_gen.pdbx_gene_src_gene                 ? 
_entity_src_gen.gene_src_species                   ? 
_entity_src_gen.gene_src_strain                    ? 
_entity_src_gen.gene_src_tissue                    ? 
_entity_src_gen.gene_src_tissue_fraction           ? 
_entity_src_gen.gene_src_details                   ? 
_entity_src_gen.pdbx_gene_src_fragment             ? 
_entity_src_gen.pdbx_gene_src_scientific_name      'ENTEROBACTERIA PHAGE T7' 
_entity_src_gen.pdbx_gene_src_ncbi_taxonomy_id     10760 
_entity_src_gen.pdbx_gene_src_variant              ? 
_entity_src_gen.pdbx_gene_src_cell_line            ? 
_entity_src_gen.pdbx_gene_src_atcc                 ? 
_entity_src_gen.pdbx_gene_src_organ                ? 
_entity_src_gen.pdbx_gene_src_organelle            ? 
_entity_src_gen.pdbx_gene_src_cell                 ? 
_entity_src_gen.pdbx_gene_src_cellular_location    ? 
_entity_src_gen.host_org_common_name               ? 
_entity_src_gen.pdbx_host_org_scientific_name      'ESCHERICHIA COLI' 
_entity_src_gen.pdbx_host_org_ncbi_taxonomy_id     562 
_entity_src_gen.host_org_genus                     ? 
_entity_src_gen.pdbx_host_org_gene                 ? 
_entity_src_gen.pdbx_host_org_organ                ? 
_entity_src_gen.host_org_species                   ? 
_entity_src_gen.pdbx_host_org_tissue               ? 
_entity_src_gen.pdbx_host_org_tissue_fraction      ? 
_entity_src_gen.pdbx_host_org_strain               ? 
_entity_src_gen.pdbx_host_org_variant              ? 
_entity_src_gen.pdbx_host_org_cell_line            ? 
_entity_src_gen.pdbx_host_org_atcc                 ? 
_entity_src_gen.pdbx_host_org_culture_collection   ? 
_entity_src_gen.pdbx_host_org_cell                 ? 
_entity_src_gen.pdbx_host_org_organelle            ? 
_entity_src_gen.pdbx_host_org_cellular_location    ? 
_entity_src_gen.pdbx_host_org_vector_type          PLASMID 
_entity_src_gen.pdbx_host_org_vector               PET33B 
_entity_src_gen.host_org_details                   ? 
_entity_src_gen.expression_system_id               ? 
_entity_src_gen.plasmid_name                       ? 
_entity_src_gen.plasmid_details                    ? 
_entity_src_gen.pdbx_description                   ? 
# 
loop_
_chem_comp.id 
_chem_comp.type 
_chem_comp.mon_nstd_flag 
_chem_comp.name 
_chem_comp.pdbx_synonyms 
_chem_comp.formula 
_chem_comp.formula_weight 
ALA 'L-peptide linking' y ALANINE         ? 'C3 H7 N O2'     89.093  
ARG 'L-peptide linking' y ARGININE        ? 'C6 H15 N4 O2 1' 175.209 
ASN 'L-peptide linking' y ASPARAGINE      ? 'C4 H8 N2 O3'    132.118 
ASP 'L-peptide linking' y 'ASPARTIC ACID' ? 'C4 H7 N O4'     133.103 
CYS 'L-peptide linking' y CYSTEINE        ? 'C3 H7 N O2 S'   121.158 
GLN 'L-peptide linking' y GLUTAMINE       ? 'C5 H10 N2 O3'   146.144 
GLU 'L-peptide linking' y 'GLUTAMIC ACID' ? 'C5 H9 N O4'     147.129 
GLY 'peptide linking'   y GLYCINE         ? 'C2 H5 N O2'     75.067  
HIS 'L-peptide linking' y HISTIDINE       ? 'C6 H10 N3 O2 1' 156.162 
ILE 'L-peptide linking' y ISOLEUCINE      ? 'C6 H13 N O2'    131.173 
LEU 'L-peptide linking' y LEUCINE         ? 'C6 H13 N O2'    131.173 
LYS 'L-peptide linking' y LYSINE          ? 'C6 H15 N2 O2 1' 147.195 
MET 'L-peptide linking' y METHIONINE      ? 'C5 H11 N O2 S'  149.211 
PHE 'L-peptide linking' y PHENYLALANINE   ? 'C9 H11 N O2'    165.189 
PRO 'L-peptide linking' y PROLINE         ? 'C5 H9 N O2'     115.130 
SER 'L-peptide linking' y SERINE          ? 'C3 H7 N O3'     105.093 
THR 'L-peptide linking' y THREONINE       ? 'C4 H9 N O3'     119.119 
TRP 'L-peptide linking' y TRYPTOPHAN      ? 'C11 H12 N2 O2'  204.225 
TYR 'L-peptide linking' y TYROSINE        ? 'C9 H11 N O3'    181.189 
VAL 'L-peptide linking' y VALINE          ? 'C5 H11 N O2'    117.146 
# 
loop_
_pdbx_poly_seq_scheme.asym_id 
_pdbx_poly_seq_scheme.entity_id 
_pdbx_poly_seq_scheme.seq_id 
_pdbx_poly_seq_scheme.mon_id 
_pdbx_poly_seq_scheme.ndb_seq_num 
_pdbx_poly_seq_scheme.pdb_seq_num 
_pdbx_poly_seq_scheme.auth_seq_num 
_pdbx_poly_seq_scheme.pdb_mon_id 
_pdbx_poly_seq_scheme.auth_mon_id 
_pdbx_poly_seq_scheme.pdb_strand_id 
_pdbx_poly_seq_scheme.pdb_ins_code 
_pdbx_poly_seq_scheme.hetero 
A 1 1  MET 1  21 ?  ?   ?   A . n 
A 1 2  SER 2  22 ?  ?   ?   A . n 
A 1 3  ASN 3  23 ?  ?   ?   A . n 
A 1 4  VAL 4  24 ?  ?   ?   A . n 
A 1 5  ASN 5  25 ?  ?   ?   A . n 
A 1 6  THR 6  26 26 THR THR A . n 
A 1 7  GLY 7  27 27 GLY GLY A . n 
A 1 8  SER 8  28 28 SER SER A . n 
A 1 9  LEU 9  29 29 LEU LEU A . n 
A 1 10 SER 10 30 30 SER SER A . n 
A 1 11 VAL 11 31 31 VAL VAL A . n 
A 1 12 ASP 12 32 32 ASP ASP A . n 
A 1 13 ASN 13 33 33 ASN ASN A . n 
A 1 14 LYS 14 34 34 LYS LYS A . n 
A 1 15 LYS 15 35 35 LYS LYS A . n 
A 1 16 PHE 16 36 36 PHE PHE A . n 
A 1 17 TRP 17 37 37 TRP TRP A . n 
A 1 18 ALA 18 38 38 ALA ALA A . n 
A 1 19 THR 19 39 39 THR THR A . n 
A 1 20 VAL 20 40 40 VAL VAL A . n 
A 1 21 GLU 21 41 41 GLU GLU A . n 
A 1 22 SER 22 42 42 SER SER A . n 
A 1 23 SER 23 43 43 SER SER A . n 
A 1 24 GLU 24 44 44 GLU GLU A . n 
A 1 25 HIS 25 45 45 HIS HIS A . n 
A 1 26 SER 26 46 46 SER SER A . n 
A 1 27 PHE 27 47 47 PHE PHE A . n 
A 1 28 GLU 28 48 48 GLU GLU A . n 
A 1 29 VAL 29 49 49 VAL VAL A . n 
A 1 30 PRO 30 50 50 PRO PRO A . n 
A 1 31 ILE 31 51 51 ILE ILE A . n 
A 1 32 TYR 32 52 52 TYR TYR A . n 
A 1 33 ALA 33 53 53 ALA ALA A . n 
A 1 34 GLU 34 54 54 GLU GLU A . n 
A 1 35 THR 35 55 55 THR THR A . n 
A 1 36 LEU 36 56 56 LEU LEU A . n 
A 1 37 ASP 37 57 57 ASP ASP A . n 
A 1 38 GLU 38 58 58 GLU GLU A . n 
A 1 39 ALA 39 59 59 ALA ALA A . n 
A 1 40 LEU 40 60 60 LEU LEU A . n 
A 1 41 GLU 41 61 61 GLU GLU A . n 
A 1 42 LEU 42 62 62 LEU LEU A . n 
A 1 43 ALA 43 63 63 ALA ALA A . n 
A 1 44 GLU 44 64 64 GLU GLU A . n 
A 1 45 TRP 45 65 65 TRP TRP A . n 
A 1 46 GLN 46 66 66 GLN GLN A . n 
A 1 47 TYR 47 67 67 TYR TYR A . n 
A 1 48 VAL 48 68 68 VAL VAL A . n 
A 1 49 PRO 49 69 69 PRO PRO A . n 
A 1 50 ALA 50 70 70 ALA ALA A . n 
A 1 51 GLY 51 71 71 GLY GLY A . n 
A 1 52 PHE 52 72 72 PHE PHE A . n 
A 1 53 GLU 53 73 73 GLU GLU A . n 
A 1 54 VAL 54 74 74 VAL VAL A . n 
A 1 55 THR 55 75 75 THR THR A . n 
A 1 56 ARG 56 76 76 ARG ARG A . n 
A 1 57 VAL 57 77 77 VAL VAL A . n 
A 1 58 ARG 58 78 78 ARG ARG A . n 
A 1 59 PRO 59 79 79 PRO PRO A . n 
A 1 60 CYS 60 80 80 CYS CYS A . n 
A 1 61 VAL 61 81 81 VAL VAL A . n 
A 1 62 ALA 62 82 82 ALA ALA A . n 
A 1 63 PRO 63 83 83 PRO PRO A . n 
A 1 64 LYS 64 84 84 LYS LYS A . n 
# 
_cell.entry_id           2WNM 
_cell.length_a           1.000 
_cell.length_b           1.000 
_cell.length_c           1.000 
_cell.angle_alpha        90.00 
_cell.angle_beta         90.00 
_cell.angle_gamma        90.00 
_cell.Z_PDB              1 
_cell.pdbx_unique_axis   ? 
# 
_symmetry.entry_id                         2WNM 
_symmetry.space_group_name_H-M             'P 1' 
_symmetry.pdbx_full_space_group_name_H-M   ? 
_symmetry.cell_setting                     ? 
_symmetry.Int_Tables_number                1 
# 
_exptl.entry_id          2WNM 
_exptl.method            'SOLUTION NMR' 
_exptl.crystals_number   ? 
# 
_struct.entry_id                  2WNM 
_struct.title                     'Solution structure of Gp2' 
_struct.pdbx_model_details        ? 
_struct.pdbx_CASP_flag            ? 
_struct.pdbx_model_type_details   'MINIMIZED AVERAGE' 
# 
_struct_keywords.entry_id        2WNM 
_struct_keywords.pdbx_keywords   HYDROLASE 
_struct_keywords.text            'SMALL PROTEIN INHIBNTOR BACTERIAL RNA POLYMERASE, HYDROLASE' 
# 
_struct_asym.id                            A 
_struct_asym.pdbx_blank_PDB_chainid_flag   N 
_struct_asym.pdbx_modified                 N 
_struct_asym.entity_id                     1 
_struct_asym.details                       ? 
# 
_struct_ref.id                         1 
_struct_ref.db_name                    UNP 
_struct_ref.db_code                    Q6WYQ8_BPT7 
_struct_ref.entity_id                  1 
_struct_ref.pdbx_seq_one_letter_code   ? 
_struct_ref.pdbx_align_begin           ? 
_struct_ref.pdbx_db_accession          Q6WYQ8 
_struct_ref.pdbx_db_isoform            ? 
# 
_struct_ref_seq.align_id                      1 
_struct_ref_seq.ref_id                        1 
_struct_ref_seq.pdbx_PDB_id_code              2WNM 
_struct_ref_seq.pdbx_strand_id                A 
_struct_ref_seq.seq_align_beg                 1 
_struct_ref_seq.pdbx_seq_align_beg_ins_code   ? 
_struct_ref_seq.seq_align_end                 64 
_struct_ref_seq.pdbx_seq_align_end_ins_code   ? 
_struct_ref_seq.pdbx_db_accession             Q6WYQ8 
_struct_ref_seq.db_align_beg                  1 
_struct_ref_seq.pdbx_db_align_beg_ins_code    ? 
_struct_ref_seq.db_align_end                  64 
_struct_ref_seq.pdbx_db_align_end_ins_code    ? 
_struct_ref_seq.pdbx_auth_seq_align_beg       21 
_struct_ref_seq.pdbx_auth_seq_align_end       84 
# 
_pdbx_struct_assembly.id                   1 
_pdbx_struct_assembly.details              author_defined_assembly 
_pdbx_struct_assembly.method_details       ? 
_pdbx_struct_assembly.oligomeric_details   monomeric 
_pdbx_struct_assembly.oligomeric_count     1 
# 
_pdbx_struct_assembly_gen.assembly_id       1 
_pdbx_struct_assembly_gen.oper_expression   1 
_pdbx_struct_assembly_gen.asym_id_list      A 
# 
_pdbx_struct_oper_list.id                   1 
_pdbx_struct_oper_list.type                 'identity operation' 
_pdbx_struct_oper_list.name                 1_555 
_pdbx_struct_oper_list.symmetry_operation   x,y,z 
_pdbx_struct_oper_list.matrix[1][1]         1.0000000000 
_pdbx_struct_oper_list.matrix[1][2]         0.0000000000 
_pdbx_struct_oper_list.matrix[1][3]         0.0000000000 
_pdbx_struct_oper_list.vector[1]            0.0000000000 
_pdbx_struct_oper_list.matrix[2][1]         0.0000000000 
_pdbx_struct_oper_list.matrix[2][2]         1.0000000000 
_pdbx_struct_oper_list.matrix[2][3]         0.0000000000 
_pdbx_struct_oper_list.vector[2]            0.0000000000 
_pdbx_struct_oper_list.matrix[3][1]         0.0000000000 
_pdbx_struct_oper_list.matrix[3][2]         0.0000000000 
_pdbx_struct_oper_list.matrix[3][3]         1.0000000000 
_pdbx_struct_oper_list.vector[3]            0.0000000000 
# 
_struct_biol.id   1 
# 
_struct_conf.conf_type_id            HELX_P 
_struct_conf.id                      HELX_P1 
_struct_conf.pdbx_PDB_helix_id       1 
_struct_conf.beg_label_comp_id       THR 
_struct_conf.beg_label_asym_id       A 
_struct_conf.beg_label_seq_id        35 
_struct_conf.pdbx_beg_PDB_ins_code   ? 
_struct_conf.end_label_comp_id       TYR 
_struct_conf.end_label_asym_id       A 
_struct_conf.end_label_seq_id        47 
_struct_conf.pdbx_end_PDB_ins_code   ? 
_struct_conf.beg_auth_comp_id        THR 
_struct_conf.beg_auth_asym_id        A 
_struct_conf.beg_auth_seq_id         55 
_struct_conf.end_auth_comp_id        TYR 
_struct_conf.end_auth_asym_id        A 
_struct_conf.end_auth_seq_id         67 
_struct_conf.pdbx_PDB_helix_class    1 
_struct_conf.details                 ? 
_struct_conf.pdbx_PDB_helix_length   13 
# 
_struct_conf_type.id          HELX_P 
_struct_conf_type.criteria    ? 
_struct_conf_type.reference   ? 
# 
_struct_sheet.id               AA 
_struct_sheet.type             ? 
_struct_sheet.number_strands   3 
_struct_sheet.details          ? 
# 
loop_
_struct_sheet_order.sheet_id 
_struct_sheet_order.range_id_1 
_struct_sheet_order.range_id_2 
_struct_sheet_order.offset 
_struct_sheet_order.sense 
AA 1 2 ? anti-parallel 
AA 2 3 ? anti-parallel 
# 
loop_
_struct_sheet_range.sheet_id 
_struct_sheet_range.id 
_struct_sheet_range.beg_label_comp_id 
_struct_sheet_range.beg_label_asym_id 
_struct_sheet_range.beg_label_seq_id 
_struct_sheet_range.pdbx_beg_PDB_ins_code 
_struct_sheet_range.end_label_comp_id 
_struct_sheet_range.end_label_asym_id 
_struct_sheet_range.end_label_seq_id 
_struct_sheet_range.pdbx_end_PDB_ins_code 
_struct_sheet_range.beg_auth_comp_id 
_struct_sheet_range.beg_auth_asym_id 
_struct_sheet_range.beg_auth_seq_id 
_struct_sheet_range.end_auth_comp_id 
_struct_sheet_range.end_auth_asym_id 
_struct_sheet_range.end_auth_seq_id 
AA 1 SER A 26 ? TYR A 32 ? SER A 46 TYR A 52 
AA 2 LYS A 15 ? GLU A 21 ? LYS A 35 GLU A 41 
AA 3 GLU A 53 ? PRO A 59 ? GLU A 73 PRO A 79 
# 
loop_
_pdbx_struct_sheet_hbond.sheet_id 
_pdbx_struct_sheet_hbond.range_id_1 
_pdbx_struct_sheet_hbond.range_id_2 
_pdbx_struct_sheet_hbond.range_1_label_atom_id 
_pdbx_struct_sheet_hbond.range_1_label_comp_id 
_pdbx_struct_sheet_hbond.range_1_label_asym_id 
_pdbx_struct_sheet_hbond.range_1_label_seq_id 
_pdbx_struct_sheet_hbond.range_1_PDB_ins_code 
_pdbx_struct_sheet_hbond.range_1_auth_atom_id 
_pdbx_struct_sheet_hbond.range_1_auth_comp_id 
_pdbx_struct_sheet_hbond.range_1_auth_asym_id 
_pdbx_struct_sheet_hbond.range_1_auth_seq_id 
_pdbx_struct_sheet_hbond.range_2_label_atom_id 
_pdbx_struct_sheet_hbond.range_2_label_comp_id 
_pdbx_struct_sheet_hbond.range_2_label_asym_id 
_pdbx_struct_sheet_hbond.range_2_label_seq_id 
_pdbx_struct_sheet_hbond.range_2_PDB_ins_code 
_pdbx_struct_sheet_hbond.range_2_auth_atom_id 
_pdbx_struct_sheet_hbond.range_2_auth_comp_id 
_pdbx_struct_sheet_hbond.range_2_auth_asym_id 
_pdbx_struct_sheet_hbond.range_2_auth_seq_id 
AA 1 2 N ILE A 31 ? N ILE A 51 O PHE A 16 ? O PHE A 36 
AA 2 3 N GLU A 21 ? N GLU A 41 O GLU A 53 ? O GLU A 73 
# 
loop_
_pdbx_validate_torsion.id 
_pdbx_validate_torsion.PDB_model_num 
_pdbx_validate_torsion.auth_comp_id 
_pdbx_validate_torsion.auth_asym_id 
_pdbx_validate_torsion.auth_seq_id 
_pdbx_validate_torsion.PDB_ins_code 
_pdbx_validate_torsion.label_alt_id 
_pdbx_validate_torsion.phi 
_pdbx_validate_torsion.psi 
1 1 SER A 30 ? ? -81.02 38.52  
2 1 ASP A 32 ? ? 73.38  -32.18 
3 1 VAL A 81 ? ? 32.92  55.48  
# 
_pdbx_nmr_ensemble.entry_id                             2WNM 
_pdbx_nmr_ensemble.conformers_calculated_total_number   20 
_pdbx_nmr_ensemble.conformers_submitted_total_number    1 
_pdbx_nmr_ensemble.conformer_selection_criteria         'REPRESENTATIVE STRUCTURE' 
# 
_pdbx_nmr_representative.entry_id             2WNM 
_pdbx_nmr_representative.conformer_id         1 
_pdbx_nmr_representative.selection_criteria   ? 
# 
_pdbx_nmr_exptl_sample_conditions.conditions_id          1 
_pdbx_nmr_exptl_sample_conditions.temperature            310.0 
_pdbx_nmr_exptl_sample_conditions.pressure_units         ? 
_pdbx_nmr_exptl_sample_conditions.pressure               ? 
_pdbx_nmr_exptl_sample_conditions.pH                     ? 
_pdbx_nmr_exptl_sample_conditions.ionic_strength         ? 
_pdbx_nmr_exptl_sample_conditions.ionic_strength_units   ? 
_pdbx_nmr_exptl_sample_conditions.pH_units               ? 
_pdbx_nmr_exptl_sample_conditions.temperature_units      K 
# 
_pdbx_nmr_details.entry_id   2WNM 
_pdbx_nmr_details.text       NONE 
# 
_pdbx_nmr_refine.entry_id           2WNM 
_pdbx_nmr_refine.method             ARIA 
_pdbx_nmr_refine.details            ? 
_pdbx_nmr_refine.software_ordinal   1 
# 
loop_
_pdbx_nmr_software.classification 
_pdbx_nmr_software.name 
_pdbx_nmr_software.version 
_pdbx_nmr_software.authors 
_pdbx_nmr_software.ordinal 
refinement           CNS 1.1 
'BRUNGER,ADAMS,CLORE,DELANO,GROS,GROSSE- KUNSTLEVE,JIANG,KUSZEWSKI,NILGES,PANNU, READ,RICE,SIMONSON,WARREN' 1 
'structure solution' CNS ?   ? 2 
# 
loop_
_pdbx_unobs_or_zero_occ_residues.id 
_pdbx_unobs_or_zero_occ_residues.PDB_model_num 
_pdbx_unobs_or_zero_occ_residues.polymer_flag 
_pdbx_unobs_or_zero_occ_residues.occupancy_flag 
_pdbx_unobs_or_zero_occ_residues.auth_asym_id 
_pdbx_unobs_or_zero_occ_residues.auth_comp_id 
_pdbx_unobs_or_zero_occ_residues.auth_seq_id 
_pdbx_unobs_or_zero_occ_residues.PDB_ins_code 
_pdbx_unobs_or_zero_occ_residues.label_asym_id 
_pdbx_unobs_or_zero_occ_residues.label_comp_id 
_pdbx_unobs_or_zero_occ_residues.label_seq_id 
1 1 Y 1 A MET 21 ? A MET 1 
2 1 Y 1 A SER 22 ? A SER 2 
3 1 Y 1 A ASN 23 ? A ASN 3 
4 1 Y 1 A VAL 24 ? A VAL 4 
5 1 Y 1 A ASN 25 ? A ASN 5 
# 
loop_
_chem_comp_atom.comp_id 
_chem_comp_atom.atom_id 
_chem_comp_atom.type_symbol 
_chem_comp_atom.pdbx_aromatic_flag 
_chem_comp_atom.pdbx_stereo_config 
_chem_comp_atom.pdbx_ordinal 
ALA N    N N N 1   
ALA CA   C N S 2   
ALA C    C N N 3   
ALA O    O N N 4   
ALA CB   C N N 5   
ALA OXT  O N N 6   
ALA H    H N N 7   
ALA H2   H N N 8   
ALA HA   H N N 9   
ALA HB1  H N N 10  
ALA HB2  H N N 11  
ALA HB3  H N N 12  
ALA HXT  H N N 13  
ARG N    N N N 14  
ARG CA   C N S 15  
ARG C    C N N 16  
ARG O    O N N 17  
ARG CB   C N N 18  
ARG CG   C N N 19  
ARG CD   C N N 20  
ARG NE   N N N 21  
ARG CZ   C N N 22  
ARG NH1  N N N 23  
ARG NH2  N N N 24  
ARG OXT  O N N 25  
ARG H    H N N 26  
ARG H2   H N N 27  
ARG HA   H N N 28  
ARG HB2  H N N 29  
ARG HB3  H N N 30  
ARG HG2  H N N 31  
ARG HG3  H N N 32  
ARG HD2  H N N 33  
ARG HD3  H N N 34  
ARG HE   H N N 35  
ARG HH11 H N N 36  
ARG HH12 H N N 37  
ARG HH21 H N N 38  
ARG HH22 H N N 39  
ARG HXT  H N N 40  
ASN N    N N N 41  
ASN CA   C N S 42  
ASN C    C N N 43  
ASN O    O N N 44  
ASN CB   C N N 45  
ASN CG   C N N 46  
ASN OD1  O N N 47  
ASN ND2  N N N 48  
ASN OXT  O N N 49  
ASN H    H N N 50  
ASN H2   H N N 51  
ASN HA   H N N 52  
ASN HB2  H N N 53  
ASN HB3  H N N 54  
ASN HD21 H N N 55  
ASN HD22 H N N 56  
ASN HXT  H N N 57  
ASP N    N N N 58  
ASP CA   C N S 59  
ASP C    C N N 60  
ASP O    O N N 61  
ASP CB   C N N 62  
ASP CG   C N N 63  
ASP OD1  O N N 64  
ASP OD2  O N N 65  
ASP OXT  O N N 66  
ASP H    H N N 67  
ASP H2   H N N 68  
ASP HA   H N N 69  
ASP HB2  H N N 70  
ASP HB3  H N N 71  
ASP HD2  H N N 72  
ASP HXT  H N N 73  
CYS N    N N N 74  
CYS CA   C N R 75  
CYS C    C N N 76  
CYS O    O N N 77  
CYS CB   C N N 78  
CYS SG   S N N 79  
CYS OXT  O N N 80  
CYS H    H N N 81  
CYS H2   H N N 82  
CYS HA   H N N 83  
CYS HB2  H N N 84  
CYS HB3  H N N 85  
CYS HG   H N N 86  
CYS HXT  H N N 87  
GLN N    N N N 88  
GLN CA   C N S 89  
GLN C    C N N 90  
GLN O    O N N 91  
GLN CB   C N N 92  
GLN CG   C N N 93  
GLN CD   C N N 94  
GLN OE1  O N N 95  
GLN NE2  N N N 96  
GLN OXT  O N N 97  
GLN H    H N N 98  
GLN H2   H N N 99  
GLN HA   H N N 100 
GLN HB2  H N N 101 
GLN HB3  H N N 102 
GLN HG2  H N N 103 
GLN HG3  H N N 104 
GLN HE21 H N N 105 
GLN HE22 H N N 106 
GLN HXT  H N N 107 
GLU N    N N N 108 
GLU CA   C N S 109 
GLU C    C N N 110 
GLU O    O N N 111 
GLU CB   C N N 112 
GLU CG   C N N 113 
GLU CD   C N N 114 
GLU OE1  O N N 115 
GLU OE2  O N N 116 
GLU OXT  O N N 117 
GLU H    H N N 118 
GLU H2   H N N 119 
GLU HA   H N N 120 
GLU HB2  H N N 121 
GLU HB3  H N N 122 
GLU HG2  H N N 123 
GLU HG3  H N N 124 
GLU HE2  H N N 125 
GLU HXT  H N N 126 
GLY N    N N N 127 
GLY CA   C N N 128 
GLY C    C N N 129 
GLY O    O N N 130 
GLY OXT  O N N 131 
GLY H    H N N 132 
GLY H2   H N N 133 
GLY HA2  H N N 134 
GLY HA3  H N N 135 
GLY HXT  H N N 136 
HIS N    N N N 137 
HIS CA   C N S 138 
HIS C    C N N 139 
HIS O    O N N 140 
HIS CB   C N N 141 
HIS CG   C Y N 142 
HIS ND1  N Y N 143 
HIS CD2  C Y N 144 
HIS CE1  C Y N 145 
HIS NE2  N Y N 146 
HIS OXT  O N N 147 
HIS H    H N N 148 
HIS H2   H N N 149 
HIS HA   H N N 150 
HIS HB2  H N N 151 
HIS HB3  H N N 152 
HIS HD1  H N N 153 
HIS HD2  H N N 154 
HIS HE1  H N N 155 
HIS HE2  H N N 156 
HIS HXT  H N N 157 
ILE N    N N N 158 
ILE CA   C N S 159 
ILE C    C N N 160 
ILE O    O N N 161 
ILE CB   C N S 162 
ILE CG1  C N N 163 
ILE CG2  C N N 164 
ILE CD1  C N N 165 
ILE OXT  O N N 166 
ILE H    H N N 167 
ILE H2   H N N 168 
ILE HA   H N N 169 
ILE HB   H N N 170 
ILE HG12 H N N 171 
ILE HG13 H N N 172 
ILE HG21 H N N 173 
ILE HG22 H N N 174 
ILE HG23 H N N 175 
ILE HD11 H N N 176 
ILE HD12 H N N 177 
ILE HD13 H N N 178 
ILE HXT  H N N 179 
LEU N    N N N 180 
LEU CA   C N S 181 
LEU C    C N N 182 
LEU O    O N N 183 
LEU CB   C N N 184 
LEU CG   C N N 185 
LEU CD1  C N N 186 
LEU CD2  C N N 187 
LEU OXT  O N N 188 
LEU H    H N N 189 
LEU H2   H N N 190 
LEU HA   H N N 191 
LEU HB2  H N N 192 
LEU HB3  H N N 193 
LEU HG   H N N 194 
LEU HD11 H N N 195 
LEU HD12 H N N 196 
LEU HD13 H N N 197 
LEU HD21 H N N 198 
LEU HD22 H N N 199 
LEU HD23 H N N 200 
LEU HXT  H N N 201 
LYS N    N N N 202 
LYS CA   C N S 203 
LYS C    C N N 204 
LYS O    O N N 205 
LYS CB   C N N 206 
LYS CG   C N N 207 
LYS CD   C N N 208 
LYS CE   C N N 209 
LYS NZ   N N N 210 
LYS OXT  O N N 211 
LYS H    H N N 212 
LYS H2   H N N 213 
LYS HA   H N N 214 
LYS HB2  H N N 215 
LYS HB3  H N N 216 
LYS HG2  H N N 217 
LYS HG3  H N N 218 
LYS HD2  H N N 219 
LYS HD3  H N N 220 
LYS HE2  H N N 221 
LYS HE3  H N N 222 
LYS HZ1  H N N 223 
LYS HZ2  H N N 224 
LYS HZ3  H N N 225 
LYS HXT  H N N 226 
MET N    N N N 227 
MET CA   C N S 228 
MET C    C N N 229 
MET O    O N N 230 
MET CB   C N N 231 
MET CG   C N N 232 
MET SD   S N N 233 
MET CE   C N N 234 
MET OXT  O N N 235 
MET H    H N N 236 
MET H2   H N N 237 
MET HA   H N N 238 
MET HB2  H N N 239 
MET HB3  H N N 240 
MET HG2  H N N 241 
MET HG3  H N N 242 
MET HE1  H N N 243 
MET HE2  H N N 244 
MET HE3  H N N 245 
MET HXT  H N N 246 
PHE N    N N N 247 
PHE CA   C N S 248 
PHE C    C N N 249 
PHE O    O N N 250 
PHE CB   C N N 251 
PHE CG   C Y N 252 
PHE CD1  C Y N 253 
PHE CD2  C Y N 254 
PHE CE1  C Y N 255 
PHE CE2  C Y N 256 
PHE CZ   C Y N 257 
PHE OXT  O N N 258 
PHE H    H N N 259 
PHE H2   H N N 260 
PHE HA   H N N 261 
PHE HB2  H N N 262 
PHE HB3  H N N 263 
PHE HD1  H N N 264 
PHE HD2  H N N 265 
PHE HE1  H N N 266 
PHE HE2  H N N 267 
PHE HZ   H N N 268 
PHE HXT  H N N 269 
PRO N    N N N 270 
PRO CA   C N S 271 
PRO C    C N N 272 
PRO O    O N N 273 
PRO CB   C N N 274 
PRO CG   C N N 275 
PRO CD   C N N 276 
PRO OXT  O N N 277 
PRO H    H N N 278 
PRO HA   H N N 279 
PRO HB2  H N N 280 
PRO HB3  H N N 281 
PRO HG2  H N N 282 
PRO HG3  H N N 283 
PRO HD2  H N N 284 
PRO HD3  H N N 285 
PRO HXT  H N N 286 
SER N    N N N 287 
SER CA   C N S 288 
SER C    C N N 289 
SER O    O N N 290 
SER CB   C N N 291 
SER OG   O N N 292 
SER OXT  O N N 293 
SER H    H N N 294 
SER H2   H N N 295 
SER HA   H N N 296 
SER HB2  H N N 297 
SER HB3  H N N 298 
SER HG   H N N 299 
SER HXT  H N N 300 
THR N    N N N 301 
THR CA   C N S 302 
THR C    C N N 303 
THR O    O N N 304 
THR CB   C N R 305 
THR OG1  O N N 306 
THR CG2  C N N 307 
THR OXT  O N N 308 
THR H    H N N 309 
THR H2   H N N 310 
THR HA   H N N 311 
THR HB   H N N 312 
THR HG1  H N N 313 
THR HG21 H N N 314 
THR HG22 H N N 315 
THR HG23 H N N 316 
THR HXT  H N N 317 
TRP N    N N N 318 
TRP CA   C N S 319 
TRP C    C N N 320 
TRP O    O N N 321 
TRP CB   C N N 322 
TRP CG   C Y N 323 
TRP CD1  C Y N 324 
TRP CD2  C Y N 325 
TRP NE1  N Y N 326 
TRP CE2  C Y N 327 
TRP CE3  C Y N 328 
TRP CZ2  C Y N 329 
TRP CZ3  C Y N 330 
TRP CH2  C Y N 331 
TRP OXT  O N N 332 
TRP H    H N N 333 
TRP H2   H N N 334 
TRP HA   H N N 335 
TRP HB2  H N N 336 
TRP HB3  H N N 337 
TRP HD1  H N N 338 
TRP HE1  H N N 339 
TRP HE3  H N N 340 
TRP HZ2  H N N 341 
TRP HZ3  H N N 342 
TRP HH2  H N N 343 
TRP HXT  H N N 344 
TYR N    N N N 345 
TYR CA   C N S 346 
TYR C    C N N 347 
TYR O    O N N 348 
TYR CB   C N N 349 
TYR CG   C Y N 350 
TYR CD1  C Y N 351 
TYR CD2  C Y N 352 
TYR CE1  C Y N 353 
TYR CE2  C Y N 354 
TYR CZ   C Y N 355 
TYR OH   O N N 356 
TYR OXT  O N N 357 
TYR H    H N N 358 
TYR H2   H N N 359 
TYR HA   H N N 360 
TYR HB2  H N N 361 
TYR HB3  H N N 362 
TYR HD1  H N N 363 
TYR HD2  H N N 364 
TYR HE1  H N N 365 
TYR HE2  H N N 366 
TYR HH   H N N 367 
TYR HXT  H N N 368 
VAL N    N N N 369 
VAL CA   C N S 370 
VAL C    C N N 371 
VAL O    O N N 372 
VAL CB   C N N 373 
VAL CG1  C N N 374 
VAL CG2  C N N 375 
VAL OXT  O N N 376 
VAL H    H N N 377 
VAL H2   H N N 378 
VAL HA   H N N 379 
VAL HB   H N N 380 
VAL HG11 H N N 381 
VAL HG12 H N N 382 
VAL HG13 H N N 383 
VAL HG21 H N N 384 
VAL HG22 H N N 385 
VAL HG23 H N N 386 
VAL HXT  H N N 387 
# 
loop_
_chem_comp_bond.comp_id 
_chem_comp_bond.atom_id_1 
_chem_comp_bond.atom_id_2 
_chem_comp_bond.value_order 
_chem_comp_bond.pdbx_aromatic_flag 
_chem_comp_bond.pdbx_stereo_config 
_chem_comp_bond.pdbx_ordinal 
ALA N   CA   sing N N 1   
ALA N   H    sing N N 2   
ALA N   H2   sing N N 3   
ALA CA  C    sing N N 4   
ALA CA  CB   sing N N 5   
ALA CA  HA   sing N N 6   
ALA C   O    doub N N 7   
ALA C   OXT  sing N N 8   
ALA CB  HB1  sing N N 9   
ALA CB  HB2  sing N N 10  
ALA CB  HB3  sing N N 11  
ALA OXT HXT  sing N N 12  
ARG N   CA   sing N N 13  
ARG N   H    sing N N 14  
ARG N   H2   sing N N 15  
ARG CA  C    sing N N 16  
ARG CA  CB   sing N N 17  
ARG CA  HA   sing N N 18  
ARG C   O    doub N N 19  
ARG C   OXT  sing N N 20  
ARG CB  CG   sing N N 21  
ARG CB  HB2  sing N N 22  
ARG CB  HB3  sing N N 23  
ARG CG  CD   sing N N 24  
ARG CG  HG2  sing N N 25  
ARG CG  HG3  sing N N 26  
ARG CD  NE   sing N N 27  
ARG CD  HD2  sing N N 28  
ARG CD  HD3  sing N N 29  
ARG NE  CZ   sing N N 30  
ARG NE  HE   sing N N 31  
ARG CZ  NH1  sing N N 32  
ARG CZ  NH2  doub N N 33  
ARG NH1 HH11 sing N N 34  
ARG NH1 HH12 sing N N 35  
ARG NH2 HH21 sing N N 36  
ARG NH2 HH22 sing N N 37  
ARG OXT HXT  sing N N 38  
ASN N   CA   sing N N 39  
ASN N   H    sing N N 40  
ASN N   H2   sing N N 41  
ASN CA  C    sing N N 42  
ASN CA  CB   sing N N 43  
ASN CA  HA   sing N N 44  
ASN C   O    doub N N 45  
ASN C   OXT  sing N N 46  
ASN CB  CG   sing N N 47  
ASN CB  HB2  sing N N 48  
ASN CB  HB3  sing N N 49  
ASN CG  OD1  doub N N 50  
ASN CG  ND2  sing N N 51  
ASN ND2 HD21 sing N N 52  
ASN ND2 HD22 sing N N 53  
ASN OXT HXT  sing N N 54  
ASP N   CA   sing N N 55  
ASP N   H    sing N N 56  
ASP N   H2   sing N N 57  
ASP CA  C    sing N N 58  
ASP CA  CB   sing N N 59  
ASP CA  HA   sing N N 60  
ASP C   O    doub N N 61  
ASP C   OXT  sing N N 62  
ASP CB  CG   sing N N 63  
ASP CB  HB2  sing N N 64  
ASP CB  HB3  sing N N 65  
ASP CG  OD1  doub N N 66  
ASP CG  OD2  sing N N 67  
ASP OD2 HD2  sing N N 68  
ASP OXT HXT  sing N N 69  
CYS N   CA   sing N N 70  
CYS N   H    sing N N 71  
CYS N   H2   sing N N 72  
CYS CA  C    sing N N 73  
CYS CA  CB   sing N N 74  
CYS CA  HA   sing N N 75  
CYS C   O    doub N N 76  
CYS C   OXT  sing N N 77  
CYS CB  SG   sing N N 78  
CYS CB  HB2  sing N N 79  
CYS CB  HB3  sing N N 80  
CYS SG  HG   sing N N 81  
CYS OXT HXT  sing N N 82  
GLN N   CA   sing N N 83  
GLN N   H    sing N N 84  
GLN N   H2   sing N N 85  
GLN CA  C    sing N N 86  
GLN CA  CB   sing N N 87  
GLN CA  HA   sing N N 88  
GLN C   O    doub N N 89  
GLN C   OXT  sing N N 90  
GLN CB  CG   sing N N 91  
GLN CB  HB2  sing N N 92  
GLN CB  HB3  sing N N 93  
GLN CG  CD   sing N N 94  
GLN CG  HG2  sing N N 95  
GLN CG  HG3  sing N N 96  
GLN CD  OE1  doub N N 97  
GLN CD  NE2  sing N N 98  
GLN NE2 HE21 sing N N 99  
GLN NE2 HE22 sing N N 100 
GLN OXT HXT  sing N N 101 
GLU N   CA   sing N N 102 
GLU N   H    sing N N 103 
GLU N   H2   sing N N 104 
GLU CA  C    sing N N 105 
GLU CA  CB   sing N N 106 
GLU CA  HA   sing N N 107 
GLU C   O    doub N N 108 
GLU C   OXT  sing N N 109 
GLU CB  CG   sing N N 110 
GLU CB  HB2  sing N N 111 
GLU CB  HB3  sing N N 112 
GLU CG  CD   sing N N 113 
GLU CG  HG2  sing N N 114 
GLU CG  HG3  sing N N 115 
GLU CD  OE1  doub N N 116 
GLU CD  OE2  sing N N 117 
GLU OE2 HE2  sing N N 118 
GLU OXT HXT  sing N N 119 
GLY N   CA   sing N N 120 
GLY N   H    sing N N 121 
GLY N   H2   sing N N 122 
GLY CA  C    sing N N 123 
GLY CA  HA2  sing N N 124 
GLY CA  HA3  sing N N 125 
GLY C   O    doub N N 126 
GLY C   OXT  sing N N 127 
GLY OXT HXT  sing N N 128 
HIS N   CA   sing N N 129 
HIS N   H    sing N N 130 
HIS N   H2   sing N N 131 
HIS CA  C    sing N N 132 
HIS CA  CB   sing N N 133 
HIS CA  HA   sing N N 134 
HIS C   O    doub N N 135 
HIS C   OXT  sing N N 136 
HIS CB  CG   sing N N 137 
HIS CB  HB2  sing N N 138 
HIS CB  HB3  sing N N 139 
HIS CG  ND1  sing Y N 140 
HIS CG  CD2  doub Y N 141 
HIS ND1 CE1  doub Y N 142 
HIS ND1 HD1  sing N N 143 
HIS CD2 NE2  sing Y N 144 
HIS CD2 HD2  sing N N 145 
HIS CE1 NE2  sing Y N 146 
HIS CE1 HE1  sing N N 147 
HIS NE2 HE2  sing N N 148 
HIS OXT HXT  sing N N 149 
ILE N   CA   sing N N 150 
ILE N   H    sing N N 151 
ILE N   H2   sing N N 152 
ILE CA  C    sing N N 153 
ILE CA  CB   sing N N 154 
ILE CA  HA   sing N N 155 
ILE C   O    doub N N 156 
ILE C   OXT  sing N N 157 
ILE CB  CG1  sing N N 158 
ILE CB  CG2  sing N N 159 
ILE CB  HB   sing N N 160 
ILE CG1 CD1  sing N N 161 
ILE CG1 HG12 sing N N 162 
ILE CG1 HG13 sing N N 163 
ILE CG2 HG21 sing N N 164 
ILE CG2 HG22 sing N N 165 
ILE CG2 HG23 sing N N 166 
ILE CD1 HD11 sing N N 167 
ILE CD1 HD12 sing N N 168 
ILE CD1 HD13 sing N N 169 
ILE OXT HXT  sing N N 170 
LEU N   CA   sing N N 171 
LEU N   H    sing N N 172 
LEU N   H2   sing N N 173 
LEU CA  C    sing N N 174 
LEU CA  CB   sing N N 175 
LEU CA  HA   sing N N 176 
LEU C   O    doub N N 177 
LEU C   OXT  sing N N 178 
LEU CB  CG   sing N N 179 
LEU CB  HB2  sing N N 180 
LEU CB  HB3  sing N N 181 
LEU CG  CD1  sing N N 182 
LEU CG  CD2  sing N N 183 
LEU CG  HG   sing N N 184 
LEU CD1 HD11 sing N N 185 
LEU CD1 HD12 sing N N 186 
LEU CD1 HD13 sing N N 187 
LEU CD2 HD21 sing N N 188 
LEU CD2 HD22 sing N N 189 
LEU CD2 HD23 sing N N 190 
LEU OXT HXT  sing N N 191 
LYS N   CA   sing N N 192 
LYS N   H    sing N N 193 
LYS N   H2   sing N N 194 
LYS CA  C    sing N N 195 
LYS CA  CB   sing N N 196 
LYS CA  HA   sing N N 197 
LYS C   O    doub N N 198 
LYS C   OXT  sing N N 199 
LYS CB  CG   sing N N 200 
LYS CB  HB2  sing N N 201 
LYS CB  HB3  sing N N 202 
LYS CG  CD   sing N N 203 
LYS CG  HG2  sing N N 204 
LYS CG  HG3  sing N N 205 
LYS CD  CE   sing N N 206 
LYS CD  HD2  sing N N 207 
LYS CD  HD3  sing N N 208 
LYS CE  NZ   sing N N 209 
LYS CE  HE2  sing N N 210 
LYS CE  HE3  sing N N 211 
LYS NZ  HZ1  sing N N 212 
LYS NZ  HZ2  sing N N 213 
LYS NZ  HZ3  sing N N 214 
LYS OXT HXT  sing N N 215 
MET N   CA   sing N N 216 
MET N   H    sing N N 217 
MET N   H2   sing N N 218 
MET CA  C    sing N N 219 
MET CA  CB   sing N N 220 
MET CA  HA   sing N N 221 
MET C   O    doub N N 222 
MET C   OXT  sing N N 223 
MET CB  CG   sing N N 224 
MET CB  HB2  sing N N 225 
MET CB  HB3  sing N N 226 
MET CG  SD   sing N N 227 
MET CG  HG2  sing N N 228 
MET CG  HG3  sing N N 229 
MET SD  CE   sing N N 230 
MET CE  HE1  sing N N 231 
MET CE  HE2  sing N N 232 
MET CE  HE3  sing N N 233 
MET OXT HXT  sing N N 234 
PHE N   CA   sing N N 235 
PHE N   H    sing N N 236 
PHE N   H2   sing N N 237 
PHE CA  C    sing N N 238 
PHE CA  CB   sing N N 239 
PHE CA  HA   sing N N 240 
PHE C   O    doub N N 241 
PHE C   OXT  sing N N 242 
PHE CB  CG   sing N N 243 
PHE CB  HB2  sing N N 244 
PHE CB  HB3  sing N N 245 
PHE CG  CD1  doub Y N 246 
PHE CG  CD2  sing Y N 247 
PHE CD1 CE1  sing Y N 248 
PHE CD1 HD1  sing N N 249 
PHE CD2 CE2  doub Y N 250 
PHE CD2 HD2  sing N N 251 
PHE CE1 CZ   doub Y N 252 
PHE CE1 HE1  sing N N 253 
PHE CE2 CZ   sing Y N 254 
PHE CE2 HE2  sing N N 255 
PHE CZ  HZ   sing N N 256 
PHE OXT HXT  sing N N 257 
PRO N   CA   sing N N 258 
PRO N   CD   sing N N 259 
PRO N   H    sing N N 260 
PRO CA  C    sing N N 261 
PRO CA  CB   sing N N 262 
PRO CA  HA   sing N N 263 
PRO C   O    doub N N 264 
PRO C   OXT  sing N N 265 
PRO CB  CG   sing N N 266 
PRO CB  HB2  sing N N 267 
PRO CB  HB3  sing N N 268 
PRO CG  CD   sing N N 269 
PRO CG  HG2  sing N N 270 
PRO CG  HG3  sing N N 271 
PRO CD  HD2  sing N N 272 
PRO CD  HD3  sing N N 273 
PRO OXT HXT  sing N N 274 
SER N   CA   sing N N 275 
SER N   H    sing N N 276 
SER N   H2   sing N N 277 
SER CA  C    sing N N 278 
SER CA  CB   sing N N 279 
SER CA  HA   sing N N 280 
SER C   O    doub N N 281 
SER C   OXT  sing N N 282 
SER CB  OG   sing N N 283 
SER CB  HB2  sing N N 284 
SER CB  HB3  sing N N 285 
SER OG  HG   sing N N 286 
SER OXT HXT  sing N N 287 
THR N   CA   sing N N 288 
THR N   H    sing N N 289 
THR N   H2   sing N N 290 
THR CA  C    sing N N 291 
THR CA  CB   sing N N 292 
THR CA  HA   sing N N 293 
THR C   O    doub N N 294 
THR C   OXT  sing N N 295 
THR CB  OG1  sing N N 296 
THR CB  CG2  sing N N 297 
THR CB  HB   sing N N 298 
THR OG1 HG1  sing N N 299 
THR CG2 HG21 sing N N 300 
THR CG2 HG22 sing N N 301 
THR CG2 HG23 sing N N 302 
THR OXT HXT  sing N N 303 
TRP N   CA   sing N N 304 
TRP N   H    sing N N 305 
TRP N   H2   sing N N 306 
TRP CA  C    sing N N 307 
TRP CA  CB   sing N N 308 
TRP CA  HA   sing N N 309 
TRP C   O    doub N N 310 
TRP C   OXT  sing N N 311 
TRP CB  CG   sing N N 312 
TRP CB  HB2  sing N N 313 
TRP CB  HB3  sing N N 314 
TRP CG  CD1  doub Y N 315 
TRP CG  CD2  sing Y N 316 
TRP CD1 NE1  sing Y N 317 
TRP CD1 HD1  sing N N 318 
TRP CD2 CE2  doub Y N 319 
TRP CD2 CE3  sing Y N 320 
TRP NE1 CE2  sing Y N 321 
TRP NE1 HE1  sing N N 322 
TRP CE2 CZ2  sing Y N 323 
TRP CE3 CZ3  doub Y N 324 
TRP CE3 HE3  sing N N 325 
TRP CZ2 CH2  doub Y N 326 
TRP CZ2 HZ2  sing N N 327 
TRP CZ3 CH2  sing Y N 328 
TRP CZ3 HZ3  sing N N 329 
TRP CH2 HH2  sing N N 330 
TRP OXT HXT  sing N N 331 
TYR N   CA   sing N N 332 
TYR N   H    sing N N 333 
TYR N   H2   sing N N 334 
TYR CA  C    sing N N 335 
TYR CA  CB   sing N N 336 
TYR CA  HA   sing N N 337 
TYR C   O    doub N N 338 
TYR C   OXT  sing N N 339 
TYR CB  CG   sing N N 340 
TYR CB  HB2  sing N N 341 
TYR CB  HB3  sing N N 342 
TYR CG  CD1  doub Y N 343 
TYR CG  CD2  sing Y N 344 
TYR CD1 CE1  sing Y N 345 
TYR CD1 HD1  sing N N 346 
TYR CD2 CE2  doub Y N 347 
TYR CD2 HD2  sing N N 348 
TYR CE1 CZ   doub Y N 349 
TYR CE1 HE1  sing N N 350 
TYR CE2 CZ   sing Y N 351 
TYR CE2 HE2  sing N N 352 
TYR CZ  OH   sing N N 353 
TYR OH  HH   sing N N 354 
TYR OXT HXT  sing N N 355 
VAL N   CA   sing N N 356 
VAL N   H    sing N N 357 
VAL N   H2   sing N N 358 
VAL CA  C    sing N N 359 
VAL CA  CB   sing N N 360 
VAL CA  HA   sing N N 361 
VAL C   O    doub N N 362 
VAL C   OXT  sing N N 363 
VAL CB  CG1  sing N N 364 
VAL CB  CG2  sing N N 365 
VAL CB  HB   sing N N 366 
VAL CG1 HG11 sing N N 367 
VAL CG1 HG12 sing N N 368 
VAL CG1 HG13 sing N N 369 
VAL CG2 HG21 sing N N 370 
VAL CG2 HG22 sing N N 371 
VAL CG2 HG23 sing N N 372 
VAL OXT HXT  sing N N 373 
# 
_pdbx_nmr_spectrometer.spectrometer_id   1 
_pdbx_nmr_spectrometer.model             AVANCE 
_pdbx_nmr_spectrometer.manufacturer      Bruker 
_pdbx_nmr_spectrometer.field_strength    800 
# 
_atom_sites.entry_id                    2WNM 
_atom_sites.fract_transf_matrix[1][1]   1.000000 
_atom_sites.fract_transf_matrix[1][2]   0.000000 
_atom_sites.fract_transf_matrix[1][3]   0.000000 
_atom_sites.fract_transf_matrix[2][1]   0.000000 
_atom_sites.fract_transf_matrix[2][2]   1.000000 
_atom_sites.fract_transf_matrix[2][3]   0.000000 
_atom_sites.fract_transf_matrix[3][1]   0.000000 
_atom_sites.fract_transf_matrix[3][2]   0.000000 
_atom_sites.fract_transf_matrix[3][3]   1.000000 
_atom_sites.fract_transf_vector[1]      0.00000 
_atom_sites.fract_transf_vector[2]      0.00000 
_atom_sites.fract_transf_vector[3]      0.00000 
# 
loop_
_atom_type.symbol 
C 
H 
N 
O 
S 
# 
loop_
_atom_site.group_PDB 
_atom_site.id 
_atom_site.type_symbol 
_atom_site.label_atom_id 
_atom_site.label_alt_id 
_atom_site.label_comp_id 
_atom_site.label_asym_id 
_atom_site.label_entity_id 
_atom_site.label_seq_id 
_atom_site.pdbx_PDB_ins_code 
_atom_site.Cartn_x 
_atom_site.Cartn_y 
_atom_site.Cartn_z 
_atom_site.occupancy 
_atom_site.B_iso_or_equiv 
_atom_site.pdbx_formal_charge 
_atom_site.auth_seq_id 
_atom_site.auth_comp_id 
_atom_site.auth_asym_id 
_atom_site.auth_atom_id 
_atom_site.pdbx_PDB_model_num 
ATOM 1   N N    . THR A 1 6  ? -7.917  -14.362 -5.827  1.00 0.00 ? 26 THR A N    1 
ATOM 2   C CA   . THR A 1 6  ? -7.345  -14.790 -4.535  1.00 0.00 ? 26 THR A CA   1 
ATOM 3   C C    . THR A 1 6  ? -7.460  -13.687 -3.492  1.00 0.00 ? 26 THR A C    1 
ATOM 4   O O    . THR A 1 6  ? -6.900  -12.602 -3.653  1.00 0.00 ? 26 THR A O    1 
ATOM 5   C CB   . THR A 1 6  ? -5.866  -15.185 -4.694  1.00 0.00 ? 26 THR A CB   1 
ATOM 6   O OG1  . THR A 1 6  ? -5.209  -14.273 -5.584  1.00 0.00 ? 26 THR A OG1  1 
ATOM 7   C CG2  . THR A 1 6  ? -5.733  -16.605 -5.223  1.00 0.00 ? 26 THR A CG2  1 
ATOM 8   H H1   . THR A 1 6  ? -7.423  -13.513 -6.171  1.00 0.00 ? 26 THR A H1   1 
ATOM 9   H H2   . THR A 1 6  ? -7.816  -15.121 -6.534  1.00 0.00 ? 26 THR A H2   1 
ATOM 10  H H3   . THR A 1 6  ? -8.930  -14.141 -5.717  1.00 0.00 ? 26 THR A H3   1 
ATOM 11  H HA   . THR A 1 6  ? -7.893  -15.657 -4.190  1.00 0.00 ? 26 THR A HA   1 
ATOM 12  H HB   . THR A 1 6  ? -5.390  -15.136 -3.725  1.00 0.00 ? 26 THR A HB   1 
ATOM 13  H HG1  . THR A 1 6  ? -4.928  -14.747 -6.383  1.00 0.00 ? 26 THR A HG1  1 
ATOM 14  H HG21 . THR A 1 6  ? -6.244  -16.685 -6.172  1.00 0.00 ? 26 THR A HG21 1 
ATOM 15  H HG22 . THR A 1 6  ? -4.687  -16.843 -5.356  1.00 0.00 ? 26 THR A HG22 1 
ATOM 16  H HG23 . THR A 1 6  ? -6.172  -17.296 -4.519  1.00 0.00 ? 26 THR A HG23 1 
ATOM 17  N N    . GLY A 1 7  ? -8.207  -13.963 -2.433  1.00 0.00 ? 27 GLY A N    1 
ATOM 18  C CA   . GLY A 1 7  ? -8.339  -13.014 -1.346  1.00 0.00 ? 27 GLY A CA   1 
ATOM 19  C C    . GLY A 1 7  ? -7.098  -12.962 -0.489  1.00 0.00 ? 27 GLY A C    1 
ATOM 20  O O    . GLY A 1 7  ? -6.799  -11.940 0.126   1.00 0.00 ? 27 GLY A O    1 
ATOM 21  H H    . GLY A 1 7  ? -8.683  -14.825 -2.390  1.00 0.00 ? 27 GLY A H    1 
ATOM 22  H HA2  . GLY A 1 7  ? -8.523  -12.032 -1.757  1.00 0.00 ? 27 GLY A HA2  1 
ATOM 23  H HA3  . GLY A 1 7  ? -9.177  -13.302 -0.731  1.00 0.00 ? 27 GLY A HA3  1 
ATOM 24  N N    . SER A 1 8  ? -6.378  -14.072 -0.450  1.00 0.00 ? 28 SER A N    1 
ATOM 25  C CA   . SER A 1 8  ? -5.121  -14.149 0.271   1.00 0.00 ? 28 SER A CA   1 
ATOM 26  C C    . SER A 1 8  ? -3.960  -13.889 -0.683  1.00 0.00 ? 28 SER A C    1 
ATOM 27  O O    . SER A 1 8  ? -3.369  -14.817 -1.232  1.00 0.00 ? 28 SER A O    1 
ATOM 28  C CB   . SER A 1 8  ? -4.983  -15.522 0.922   1.00 0.00 ? 28 SER A CB   1 
ATOM 29  O OG   . SER A 1 8  ? -6.114  -15.811 1.731   1.00 0.00 ? 28 SER A OG   1 
ATOM 30  H H    . SER A 1 8  ? -6.703  -14.872 -0.927  1.00 0.00 ? 28 SER A H    1 
ATOM 31  H HA   . SER A 1 8  ? -5.126  -13.388 1.038   1.00 0.00 ? 28 SER A HA   1 
ATOM 32  H HB2  . SER A 1 8  ? -4.900  -16.278 0.157   1.00 0.00 ? 28 SER A HB2  1 
ATOM 33  H HB3  . SER A 1 8  ? -4.099  -15.537 1.542   1.00 0.00 ? 28 SER A HB3  1 
ATOM 34  H HG   . SER A 1 8  ? -6.817  -15.185 1.523   1.00 0.00 ? 28 SER A HG   1 
ATOM 35  N N    . LEU A 1 9  ? -3.651  -12.619 -0.890  1.00 0.00 ? 29 LEU A N    1 
ATOM 36  C CA   . LEU A 1 9  ? -2.606  -12.235 -1.823  1.00 0.00 ? 29 LEU A CA   1 
ATOM 37  C C    . LEU A 1 9  ? -1.312  -11.935 -1.076  1.00 0.00 ? 29 LEU A C    1 
ATOM 38  O O    . LEU A 1 9  ? -0.255  -11.773 -1.685  1.00 0.00 ? 29 LEU A O    1 
ATOM 39  C CB   . LEU A 1 9  ? -3.047  -11.013 -2.636  1.00 0.00 ? 29 LEU A CB   1 
ATOM 40  C CG   . LEU A 1 9  ? -2.165  -10.683 -3.845  1.00 0.00 ? 29 LEU A CG   1 
ATOM 41  C CD1  . LEU A 1 9  ? -2.229  -11.799 -4.875  1.00 0.00 ? 29 LEU A CD1  1 
ATOM 42  C CD2  . LEU A 1 9  ? -2.569  -9.352  -4.467  1.00 0.00 ? 29 LEU A CD2  1 
ATOM 43  H H    . LEU A 1 9  ? -4.136  -11.920 -0.395  1.00 0.00 ? 29 LEU A H    1 
ATOM 44  H HA   . LEU A 1 9  ? -2.438  -13.063 -2.495  1.00 0.00 ? 29 LEU A HA   1 
ATOM 45  H HB2  . LEU A 1 9  ? -4.054  -11.186 -2.984  1.00 0.00 ? 29 LEU A HB2  1 
ATOM 46  H HB3  . LEU A 1 9  ? -3.054  -10.157 -1.980  1.00 0.00 ? 29 LEU A HB3  1 
ATOM 47  H HG   . LEU A 1 9  ? -1.139  -10.598 -3.517  1.00 0.00 ? 29 LEU A HG   1 
ATOM 48  H HD11 . LEU A 1 9  ? -1.899  -12.725 -4.424  1.00 0.00 ? 29 LEU A HD11 1 
ATOM 49  H HD12 . LEU A 1 9  ? -3.244  -11.912 -5.226  1.00 0.00 ? 29 LEU A HD12 1 
ATOM 50  H HD13 . LEU A 1 9  ? -1.585  -11.557 -5.709  1.00 0.00 ? 29 LEU A HD13 1 
ATOM 51  H HD21 . LEU A 1 9  ? -3.607  -9.389  -4.759  1.00 0.00 ? 29 LEU A HD21 1 
ATOM 52  H HD22 . LEU A 1 9  ? -2.425  -8.560  -3.746  1.00 0.00 ? 29 LEU A HD22 1 
ATOM 53  H HD23 . LEU A 1 9  ? -1.955  -9.163  -5.335  1.00 0.00 ? 29 LEU A HD23 1 
ATOM 54  N N    . SER A 1 10 ? -1.394  -11.886 0.251   1.00 0.00 ? 30 SER A N    1 
ATOM 55  C CA   . SER A 1 10 ? -0.237  -11.591 1.091   1.00 0.00 ? 30 SER A CA   1 
ATOM 56  C C    . SER A 1 10 ? 0.620   -12.842 1.289   1.00 0.00 ? 30 SER A C    1 
ATOM 57  O O    . SER A 1 10 ? 1.167   -13.086 2.362   1.00 0.00 ? 30 SER A O    1 
ATOM 58  C CB   . SER A 1 10 ? -0.715  -11.070 2.443   1.00 0.00 ? 30 SER A CB   1 
ATOM 59  O OG   . SER A 1 10 ? -2.030  -10.552 2.351   1.00 0.00 ? 30 SER A OG   1 
ATOM 60  H H    . SER A 1 10 ? -2.258  -12.055 0.682   1.00 0.00 ? 30 SER A H    1 
ATOM 61  H HA   . SER A 1 10 ? 0.351   -10.829 0.603   1.00 0.00 ? 30 SER A HA   1 
ATOM 62  H HB2  . SER A 1 10 ? -0.708  -11.878 3.161   1.00 0.00 ? 30 SER A HB2  1 
ATOM 63  H HB3  . SER A 1 10 ? -0.052  -10.285 2.775   1.00 0.00 ? 30 SER A HB3  1 
ATOM 64  H HG   . SER A 1 10 ? -2.655  -11.214 2.689   1.00 0.00 ? 30 SER A HG   1 
ATOM 65  N N    . VAL A 1 11 ? 0.737   -13.617 0.231   1.00 0.00 ? 31 VAL A N    1 
ATOM 66  C CA   . VAL A 1 11 ? 1.404   -14.911 0.282   1.00 0.00 ? 31 VAL A CA   1 
ATOM 67  C C    . VAL A 1 11 ? 2.926   -14.774 0.373   1.00 0.00 ? 31 VAL A C    1 
ATOM 68  O O    . VAL A 1 11 ? 3.628   -14.765 -0.643  1.00 0.00 ? 31 VAL A O    1 
ATOM 69  C CB   . VAL A 1 11 ? 1.015   -15.795 -0.926  1.00 0.00 ? 31 VAL A CB   1 
ATOM 70  C CG1  . VAL A 1 11 ? -0.408  -16.300 -0.773  1.00 0.00 ? 31 VAL A CG1  1 
ATOM 71  C CG2  . VAL A 1 11 ? 1.164   -15.037 -2.240  1.00 0.00 ? 31 VAL A CG2  1 
ATOM 72  H H    . VAL A 1 11 ? 0.370   -13.299 -0.618  1.00 0.00 ? 31 VAL A H    1 
ATOM 73  H HA   . VAL A 1 11 ? 1.059   -15.413 1.172   1.00 0.00 ? 31 VAL A HA   1 
ATOM 74  H HB   . VAL A 1 11 ? 1.677   -16.648 -0.948  1.00 0.00 ? 31 VAL A HB   1 
ATOM 75  H HG11 . VAL A 1 11 ? -1.083  -15.460 -0.707  1.00 0.00 ? 31 VAL A HG11 1 
ATOM 76  H HG12 . VAL A 1 11 ? -0.669  -16.907 -1.626  1.00 0.00 ? 31 VAL A HG12 1 
ATOM 77  H HG13 . VAL A 1 11 ? -0.483  -16.893 0.127   1.00 0.00 ? 31 VAL A HG13 1 
ATOM 78  H HG21 . VAL A 1 11 ? 2.182   -14.691 -2.343  1.00 0.00 ? 31 VAL A HG21 1 
ATOM 79  H HG22 . VAL A 1 11 ? 0.924   -15.694 -3.063  1.00 0.00 ? 31 VAL A HG22 1 
ATOM 80  H HG23 . VAL A 1 11 ? 0.493   -14.191 -2.247  1.00 0.00 ? 31 VAL A HG23 1 
ATOM 81  N N    . ASP A 1 12 ? 3.414   -14.627 1.610   1.00 0.00 ? 32 ASP A N    1 
ATOM 82  C CA   . ASP A 1 12 ? 4.852   -14.604 1.923   1.00 0.00 ? 32 ASP A CA   1 
ATOM 83  C C    . ASP A 1 12 ? 5.523   -13.303 1.492   1.00 0.00 ? 32 ASP A C    1 
ATOM 84  O O    . ASP A 1 12 ? 6.478   -12.852 2.127   1.00 0.00 ? 32 ASP A O    1 
ATOM 85  C CB   . ASP A 1 12 ? 5.573   -15.805 1.311   1.00 0.00 ? 32 ASP A CB   1 
ATOM 86  C CG   . ASP A 1 12 ? 5.583   -17.002 2.236   1.00 0.00 ? 32 ASP A CG   1 
ATOM 87  O OD1  . ASP A 1 12 ? 6.651   -17.289 2.821   1.00 0.00 ? 32 ASP A OD1  1 
ATOM 88  O OD2  . ASP A 1 12 ? 4.529   -17.653 2.393   1.00 0.00 ? 32 ASP A OD2  1 
ATOM 89  H H    . ASP A 1 12 ? 2.777   -14.511 2.344   1.00 0.00 ? 32 ASP A H    1 
ATOM 90  H HA   . ASP A 1 12 ? 4.936   -14.676 2.997   1.00 0.00 ? 32 ASP A HA   1 
ATOM 91  H HB2  . ASP A 1 12 ? 5.076   -16.087 0.395   1.00 0.00 ? 32 ASP A HB2  1 
ATOM 92  H HB3  . ASP A 1 12 ? 6.593   -15.529 1.094   1.00 0.00 ? 32 ASP A HB3  1 
ATOM 93  N N    . ASN A 1 13 ? 5.039   -12.710 0.416   1.00 0.00 ? 33 ASN A N    1 
ATOM 94  C CA   . ASN A 1 13 ? 5.528   -11.415 -0.018  1.00 0.00 ? 33 ASN A CA   1 
ATOM 95  C C    . ASN A 1 13 ? 5.099   -10.365 0.998   1.00 0.00 ? 33 ASN A C    1 
ATOM 96  O O    . ASN A 1 13 ? 4.027   -10.477 1.599   1.00 0.00 ? 33 ASN A O    1 
ATOM 97  C CB   . ASN A 1 13 ? 4.968   -11.066 -1.398  1.00 0.00 ? 33 ASN A CB   1 
ATOM 98  C CG   . ASN A 1 13 ? 5.793   -10.021 -2.129  1.00 0.00 ? 33 ASN A CG   1 
ATOM 99  O OD1  . ASN A 1 13 ? 6.474   -9.199  -1.517  1.00 0.00 ? 33 ASN A OD1  1 
ATOM 100 N ND2  . ASN A 1 13 ? 5.721   -10.038 -3.450  1.00 0.00 ? 33 ASN A ND2  1 
ATOM 101 H H    . ASN A 1 13 ? 4.335   -13.159 -0.101  1.00 0.00 ? 33 ASN A H    1 
ATOM 102 H HA   . ASN A 1 13 ? 6.606   -11.454 -0.062  1.00 0.00 ? 33 ASN A HA   1 
ATOM 103 H HB2  . ASN A 1 13 ? 4.941   -11.960 -2.002  1.00 0.00 ? 33 ASN A HB2  1 
ATOM 104 H HB3  . ASN A 1 13 ? 3.963   -10.686 -1.283  1.00 0.00 ? 33 ASN A HB3  1 
ATOM 105 H HD21 . ASN A 1 13 ? 5.149   -10.718 -3.876  1.00 0.00 ? 33 ASN A HD21 1 
ATOM 106 H HD22 . ASN A 1 13 ? 6.232   -9.363  -3.953  1.00 0.00 ? 33 ASN A HD22 1 
ATOM 107 N N    . LYS A 1 14 ? 5.932   -9.362  1.202   1.00 0.00 ? 34 LYS A N    1 
ATOM 108 C CA   . LYS A 1 14 ? 5.635   -8.319  2.167   1.00 0.00 ? 34 LYS A CA   1 
ATOM 109 C C    . LYS A 1 14 ? 4.551   -7.396  1.636   1.00 0.00 ? 34 LYS A C    1 
ATOM 110 O O    . LYS A 1 14 ? 4.834   -6.372  1.018   1.00 0.00 ? 34 LYS A O    1 
ATOM 111 C CB   . LYS A 1 14 ? 6.885   -7.513  2.485   1.00 0.00 ? 34 LYS A CB   1 
ATOM 112 C CG   . LYS A 1 14 ? 7.963   -8.297  3.218   1.00 0.00 ? 34 LYS A CG   1 
ATOM 113 C CD   . LYS A 1 14 ? 7.519   -8.691  4.616   1.00 0.00 ? 34 LYS A CD   1 
ATOM 114 C CE   . LYS A 1 14 ? 8.622   -9.429  5.362   1.00 0.00 ? 34 LYS A CE   1 
ATOM 115 N NZ   . LYS A 1 14 ? 9.055   -10.669 4.655   1.00 0.00 ? 34 LYS A NZ   1 
ATOM 116 H H    . LYS A 1 14 ? 6.755   -9.305  0.668   1.00 0.00 ? 34 LYS A H    1 
ATOM 117 H HA   . LYS A 1 14 ? 5.281   -8.792  3.069   1.00 0.00 ? 34 LYS A HA   1 
ATOM 118 H HB2  . LYS A 1 14 ? 7.303   -7.151  1.556   1.00 0.00 ? 34 LYS A HB2  1 
ATOM 119 H HB3  . LYS A 1 14 ? 6.606   -6.667  3.096   1.00 0.00 ? 34 LYS A HB3  1 
ATOM 120 H HG2  . LYS A 1 14 ? 8.184   -9.192  2.656   1.00 0.00 ? 34 LYS A HG2  1 
ATOM 121 H HG3  . LYS A 1 14 ? 8.850   -7.686  3.291   1.00 0.00 ? 34 LYS A HG3  1 
ATOM 122 H HD2  . LYS A 1 14 ? 7.261   -7.796  5.166   1.00 0.00 ? 34 LYS A HD2  1 
ATOM 123 H HD3  . LYS A 1 14 ? 6.651   -9.334  4.542   1.00 0.00 ? 34 LYS A HD3  1 
ATOM 124 H HE2  . LYS A 1 14 ? 9.471   -8.772  5.463   1.00 0.00 ? 34 LYS A HE2  1 
ATOM 125 H HE3  . LYS A 1 14 ? 8.255   -9.695  6.343   1.00 0.00 ? 34 LYS A HE3  1 
ATOM 126 H HZ1  . LYS A 1 14 ? 9.398   -10.434 3.697   1.00 0.00 ? 34 LYS A HZ1  1 
ATOM 127 H HZ2  . LYS A 1 14 ? 9.832   -11.126 5.180   1.00 0.00 ? 34 LYS A HZ2  1 
ATOM 128 H HZ3  . LYS A 1 14 ? 8.260   -11.341 4.578   1.00 0.00 ? 34 LYS A HZ3  1 
ATOM 129 N N    . LYS A 1 15 ? 3.309   -7.785  1.860   1.00 0.00 ? 35 LYS A N    1 
ATOM 130 C CA   . LYS A 1 15 ? 2.181   -6.988  1.433   1.00 0.00 ? 35 LYS A CA   1 
ATOM 131 C C    . LYS A 1 15 ? 1.986   -5.814  2.373   1.00 0.00 ? 35 LYS A C    1 
ATOM 132 O O    . LYS A 1 15 ? 1.953   -5.971  3.598   1.00 0.00 ? 35 LYS A O    1 
ATOM 133 C CB   . LYS A 1 15 ? 0.910   -7.835  1.400   1.00 0.00 ? 35 LYS A CB   1 
ATOM 134 C CG   . LYS A 1 15 ? -0.267  -7.166  0.702   1.00 0.00 ? 35 LYS A CG   1 
ATOM 135 C CD   . LYS A 1 15 ? -1.533  -7.976  0.883   1.00 0.00 ? 35 LYS A CD   1 
ATOM 136 C CE   . LYS A 1 15 ? -2.604  -7.594  -0.120  1.00 0.00 ? 35 LYS A CE   1 
ATOM 137 N NZ   . LYS A 1 15 ? -3.861  -8.354  0.109   1.00 0.00 ? 35 LYS A NZ   1 
ATOM 138 H H    . LYS A 1 15 ? 3.151   -8.639  2.316   1.00 0.00 ? 35 LYS A H    1 
ATOM 139 H HA   . LYS A 1 15 ? 2.390   -6.614  0.439   1.00 0.00 ? 35 LYS A HA   1 
ATOM 140 H HB2  . LYS A 1 15 ? 1.124   -8.759  0.885   1.00 0.00 ? 35 LYS A HB2  1 
ATOM 141 H HB3  . LYS A 1 15 ? 0.617   -8.060  2.413   1.00 0.00 ? 35 LYS A HB3  1 
ATOM 142 H HG2  . LYS A 1 15 ? -0.416  -6.184  1.126   1.00 0.00 ? 35 LYS A HG2  1 
ATOM 143 H HG3  . LYS A 1 15 ? -0.050  -7.080  -0.353  1.00 0.00 ? 35 LYS A HG3  1 
ATOM 144 H HD2  . LYS A 1 15 ? -1.297  -9.023  0.758   1.00 0.00 ? 35 LYS A HD2  1 
ATOM 145 H HD3  . LYS A 1 15 ? -1.912  -7.809  1.881   1.00 0.00 ? 35 LYS A HD3  1 
ATOM 146 H HE2  . LYS A 1 15 ? -2.809  -6.537  -0.025  1.00 0.00 ? 35 LYS A HE2  1 
ATOM 147 H HE3  . LYS A 1 15 ? -2.240  -7.805  -1.115  1.00 0.00 ? 35 LYS A HE3  1 
ATOM 148 H HZ1  . LYS A 1 15 ? -3.652  -9.367  0.248   1.00 0.00 ? 35 LYS A HZ1  1 
ATOM 149 H HZ2  . LYS A 1 15 ? -4.352  -7.997  0.958   1.00 0.00 ? 35 LYS A HZ2  1 
ATOM 150 H HZ3  . LYS A 1 15 ? -4.498  -8.257  -0.711  1.00 0.00 ? 35 LYS A HZ3  1 
ATOM 151 N N    . PHE A 1 16 ? 1.874   -4.645  1.792   1.00 0.00 ? 36 PHE A N    1 
ATOM 152 C CA   . PHE A 1 16 ? 1.615   -3.434  2.533   1.00 0.00 ? 36 PHE A CA   1 
ATOM 153 C C    . PHE A 1 16 ? 0.356   -2.771  1.998   1.00 0.00 ? 36 PHE A C    1 
ATOM 154 O O    . PHE A 1 16 ? -0.067  -3.036  0.879   1.00 0.00 ? 36 PHE A O    1 
ATOM 155 C CB   . PHE A 1 16 ? 2.809   -2.474  2.429   1.00 0.00 ? 36 PHE A CB   1 
ATOM 156 C CG   . PHE A 1 16 ? 4.018   -2.939  3.181   1.00 0.00 ? 36 PHE A CG   1 
ATOM 157 C CD1  . PHE A 1 16 ? 4.168   -2.638  4.515   1.00 0.00 ? 36 PHE A CD1  1 
ATOM 158 C CD2  . PHE A 1 16 ? 5.001   -3.680  2.549   1.00 0.00 ? 36 PHE A CD2  1 
ATOM 159 C CE1  . PHE A 1 16 ? 5.272   -3.066  5.217   1.00 0.00 ? 36 PHE A CE1  1 
ATOM 160 C CE2  . PHE A 1 16 ? 6.112   -4.111  3.241   1.00 0.00 ? 36 PHE A CE2  1 
ATOM 161 C CZ   . PHE A 1 16 ? 6.249   -3.805  4.581   1.00 0.00 ? 36 PHE A CZ   1 
ATOM 162 H H    . PHE A 1 16 ? 1.976   -4.589  0.816   1.00 0.00 ? 36 PHE A H    1 
ATOM 163 H HA   . PHE A 1 16 ? 1.465   -3.702  3.571   1.00 0.00 ? 36 PHE A HA   1 
ATOM 164 H HB2  . PHE A 1 16 ? 3.096   -2.373  1.397   1.00 0.00 ? 36 PHE A HB2  1 
ATOM 165 H HB3  . PHE A 1 16 ? 2.524   -1.506  2.815   1.00 0.00 ? 36 PHE A HB3  1 
ATOM 166 H HD1  . PHE A 1 16 ? 3.403   -2.063  5.018   1.00 0.00 ? 36 PHE A HD1  1 
ATOM 167 H HD2  . PHE A 1 16 ? 4.893   -3.919  1.500   1.00 0.00 ? 36 PHE A HD2  1 
ATOM 168 H HE1  . PHE A 1 16 ? 5.366   -2.818  6.266   1.00 0.00 ? 36 PHE A HE1  1 
ATOM 169 H HE2  . PHE A 1 16 ? 6.868   -4.684  2.734   1.00 0.00 ? 36 PHE A HE2  1 
ATOM 170 H HZ   . PHE A 1 16 ? 7.116   -4.145  5.128   1.00 0.00 ? 36 PHE A HZ   1 
ATOM 171 N N    . TRP A 1 17 ? -0.249  -1.934  2.808   1.00 0.00 ? 37 TRP A N    1 
ATOM 172 C CA   . TRP A 1 17 ? -1.409  -1.175  2.403   1.00 0.00 ? 37 TRP A CA   1 
ATOM 173 C C    . TRP A 1 17 ? -1.110  0.300   2.498   1.00 0.00 ? 37 TRP A C    1 
ATOM 174 O O    . TRP A 1 17 ? -0.999  0.848   3.596   1.00 0.00 ? 37 TRP A O    1 
ATOM 175 C CB   . TRP A 1 17 ? -2.614  -1.503  3.277   1.00 0.00 ? 37 TRP A CB   1 
ATOM 176 C CG   . TRP A 1 17 ? -3.174  -2.861  3.029   1.00 0.00 ? 37 TRP A CG   1 
ATOM 177 C CD1  . TRP A 1 17 ? -3.112  -3.939  3.862   1.00 0.00 ? 37 TRP A CD1  1 
ATOM 178 C CD2  . TRP A 1 17 ? -3.870  -3.289  1.857   1.00 0.00 ? 37 TRP A CD2  1 
ATOM 179 N NE1  . TRP A 1 17 ? -3.747  -5.012  3.284   1.00 0.00 ? 37 TRP A NE1  1 
ATOM 180 C CE2  . TRP A 1 17 ? -4.218  -4.636  2.051   1.00 0.00 ? 37 TRP A CE2  1 
ATOM 181 C CE3  . TRP A 1 17 ? -4.238  -2.663  0.662   1.00 0.00 ? 37 TRP A CE3  1 
ATOM 182 C CZ2  . TRP A 1 17 ? -4.918  -5.366  1.095   1.00 0.00 ? 37 TRP A CZ2  1 
ATOM 183 C CZ3  . TRP A 1 17 ? -4.930  -3.393  -0.284  1.00 0.00 ? 37 TRP A CZ3  1 
ATOM 184 C CH2  . TRP A 1 17 ? -5.262  -4.731  -0.061  1.00 0.00 ? 37 TRP A CH2  1 
ATOM 185 H H    . TRP A 1 17 ? 0.104   -1.808  3.711   1.00 0.00 ? 37 TRP A H    1 
ATOM 186 H HA   . TRP A 1 17 ? -1.635  -1.426  1.377   1.00 0.00 ? 37 TRP A HA   1 
ATOM 187 H HB2  . TRP A 1 17 ? -2.323  -1.448  4.315   1.00 0.00 ? 37 TRP A HB2  1 
ATOM 188 H HB3  . TRP A 1 17 ? -3.393  -0.780  3.087   1.00 0.00 ? 37 TRP A HB3  1 
ATOM 189 H HD1  . TRP A 1 17 ? -2.637  -3.931  4.834   1.00 0.00 ? 37 TRP A HD1  1 
ATOM 190 H HE1  . TRP A 1 17 ? -3.843  -5.902  3.689   1.00 0.00 ? 37 TRP A HE1  1 
ATOM 191 H HE3  . TRP A 1 17 ? -3.986  -1.626  0.466   1.00 0.00 ? 37 TRP A HE3  1 
ATOM 192 H HZ2  . TRP A 1 17 ? -5.184  -6.398  1.246   1.00 0.00 ? 37 TRP A HZ2  1 
ATOM 193 H HZ3  . TRP A 1 17 ? -5.216  -2.930  -1.217  1.00 0.00 ? 37 TRP A HZ3  1 
ATOM 194 H HH2  . TRP A 1 17 ? -5.802  -5.267  -0.826  1.00 0.00 ? 37 TRP A HH2  1 
ATOM 195 N N    . ALA A 1 18 ? -0.944  0.932   1.360   1.00 0.00 ? 38 ALA A N    1 
ATOM 196 C CA   . ALA A 1 18 ? -0.719  2.356   1.336   1.00 0.00 ? 38 ALA A CA   1 
ATOM 197 C C    . ALA A 1 18 ? -2.044  3.081   1.255   1.00 0.00 ? 38 ALA A C    1 
ATOM 198 O O    . ALA A 1 18 ? -2.784  2.945   0.279   1.00 0.00 ? 38 ALA A O    1 
ATOM 199 C CB   . ALA A 1 18 ? 0.186   2.746   0.189   1.00 0.00 ? 38 ALA A CB   1 
ATOM 200 H H    . ALA A 1 18 ? -0.984  0.431   0.515   1.00 0.00 ? 38 ALA A H    1 
ATOM 201 H HA   . ALA A 1 18 ? -0.230  2.628   2.260   1.00 0.00 ? 38 ALA A HA   1 
ATOM 202 H HB1  . ALA A 1 18 ? -0.224  2.379   -0.738  1.00 0.00 ? 38 ALA A HB1  1 
ATOM 203 H HB2  . ALA A 1 18 ? 0.268   3.823   0.148   1.00 0.00 ? 38 ALA A HB2  1 
ATOM 204 H HB3  . ALA A 1 18 ? 1.169   2.320   0.350   1.00 0.00 ? 38 ALA A HB3  1 
ATOM 205 N N    . THR A 1 19 ? -2.347  3.817   2.305   1.00 0.00 ? 39 THR A N    1 
ATOM 206 C CA   . THR A 1 19 ? -3.567  4.582   2.379   1.00 0.00 ? 39 THR A CA   1 
ATOM 207 C C    . THR A 1 19 ? -3.496  5.769   1.427   1.00 0.00 ? 39 THR A C    1 
ATOM 208 O O    . THR A 1 19 ? -2.905  6.800   1.745   1.00 0.00 ? 39 THR A O    1 
ATOM 209 C CB   . THR A 1 19 ? -3.816  5.085   3.815   1.00 0.00 ? 39 THR A CB   1 
ATOM 210 O OG1  . THR A 1 19 ? -3.669  4.005   4.750   1.00 0.00 ? 39 THR A OG1  1 
ATOM 211 C CG2  . THR A 1 19 ? -5.205  5.687   3.944   1.00 0.00 ? 39 THR A CG2  1 
ATOM 212 H H    . THR A 1 19 ? -1.715  3.858   3.054   1.00 0.00 ? 39 THR A H    1 
ATOM 213 H HA   . THR A 1 19 ? -4.387  3.941   2.089   1.00 0.00 ? 39 THR A HA   1 
ATOM 214 H HB   . THR A 1 19 ? -3.088  5.851   4.046   1.00 0.00 ? 39 THR A HB   1 
ATOM 215 H HG1  . THR A 1 19 ? -4.075  3.204   4.391   1.00 0.00 ? 39 THR A HG1  1 
ATOM 216 H HG21 . THR A 1 19 ? -5.947  4.945   3.689   1.00 0.00 ? 39 THR A HG21 1 
ATOM 217 H HG22 . THR A 1 19 ? -5.359  6.016   4.961   1.00 0.00 ? 39 THR A HG22 1 
ATOM 218 H HG23 . THR A 1 19 ? -5.295  6.532   3.277   1.00 0.00 ? 39 THR A HG23 1 
ATOM 219 N N    . VAL A 1 20 ? -4.075  5.605   0.252   1.00 0.00 ? 40 VAL A N    1 
ATOM 220 C CA   . VAL A 1 20 ? -4.149  6.682   -0.717  1.00 0.00 ? 40 VAL A CA   1 
ATOM 221 C C    . VAL A 1 20 ? -5.428  7.463   -0.464  1.00 0.00 ? 40 VAL A C    1 
ATOM 222 O O    . VAL A 1 20 ? -6.521  7.038   -0.832  1.00 0.00 ? 40 VAL A O    1 
ATOM 223 C CB   . VAL A 1 20 ? -4.125  6.164   -2.170  1.00 0.00 ? 40 VAL A CB   1 
ATOM 224 C CG1  . VAL A 1 20 ? -3.290  7.081   -3.050  1.00 0.00 ? 40 VAL A CG1  1 
ATOM 225 C CG2  . VAL A 1 20 ? -3.588  4.744   -2.237  1.00 0.00 ? 40 VAL A CG2  1 
ATOM 226 H H    . VAL A 1 20 ? -4.475  4.735   0.036   1.00 0.00 ? 40 VAL A H    1 
ATOM 227 H HA   . VAL A 1 20 ? -3.299  7.333   -0.565  1.00 0.00 ? 40 VAL A HA   1 
ATOM 228 H HB   . VAL A 1 20 ? -5.137  6.166   -2.544  1.00 0.00 ? 40 VAL A HB   1 
ATOM 229 H HG11 . VAL A 1 20 ? -3.688  8.083   -3.005  1.00 0.00 ? 40 VAL A HG11 1 
ATOM 230 H HG12 . VAL A 1 20 ? -2.269  7.083   -2.699  1.00 0.00 ? 40 VAL A HG12 1 
ATOM 231 H HG13 . VAL A 1 20 ? -3.317  6.727   -4.070  1.00 0.00 ? 40 VAL A HG13 1 
ATOM 232 H HG21 . VAL A 1 20 ? -4.209  4.093   -1.642  1.00 0.00 ? 40 VAL A HG21 1 
ATOM 233 H HG22 . VAL A 1 20 ? -3.589  4.405   -3.262  1.00 0.00 ? 40 VAL A HG22 1 
ATOM 234 H HG23 . VAL A 1 20 ? -2.575  4.726   -1.855  1.00 0.00 ? 40 VAL A HG23 1 
ATOM 235 N N    . GLU A 1 21 ? -5.277  8.602   0.168   1.00 0.00 ? 41 GLU A N    1 
ATOM 236 C CA   . GLU A 1 21 ? -6.396  9.329   0.740   1.00 0.00 ? 41 GLU A CA   1 
ATOM 237 C C    . GLU A 1 21 ? -6.775  10.530  -0.114  1.00 0.00 ? 41 GLU A C    1 
ATOM 238 O O    . GLU A 1 21 ? -5.928  11.135  -0.768  1.00 0.00 ? 41 GLU A O    1 
ATOM 239 C CB   . GLU A 1 21 ? -6.024  9.811   2.145   1.00 0.00 ? 41 GLU A CB   1 
ATOM 240 C CG   . GLU A 1 21 ? -7.218  10.171  3.010   1.00 0.00 ? 41 GLU A CG   1 
ATOM 241 C CD   . GLU A 1 21 ? -6.828  10.434  4.448   1.00 0.00 ? 41 GLU A CD   1 
ATOM 242 O OE1  . GLU A 1 21 ? -6.625  11.612  4.806   1.00 0.00 ? 41 GLU A OE1  1 
ATOM 243 O OE2  . GLU A 1 21 ? -6.728  9.463   5.228   1.00 0.00 ? 41 GLU A OE2  1 
ATOM 244 H H    . GLU A 1 21 ? -4.376  8.985   0.231   1.00 0.00 ? 41 GLU A H    1 
ATOM 245 H HA   . GLU A 1 21 ? -7.238  8.664   0.807   1.00 0.00 ? 41 GLU A HA   1 
ATOM 246 H HB2  . GLU A 1 21 ? -5.443  9.055   2.652   1.00 0.00 ? 41 GLU A HB2  1 
ATOM 247 H HB3  . GLU A 1 21 ? -5.419  10.691  2.041   1.00 0.00 ? 41 GLU A HB3  1 
ATOM 248 H HG2  . GLU A 1 21 ? -7.680  11.061  2.610   1.00 0.00 ? 41 GLU A HG2  1 
ATOM 249 H HG3  . GLU A 1 21 ? -7.925  9.359   2.984   1.00 0.00 ? 41 GLU A HG3  1 
ATOM 250 N N    . SER A 1 22 ? -8.056  10.851  -0.117  1.00 0.00 ? 42 SER A N    1 
ATOM 251 C CA   . SER A 1 22 ? -8.531  12.106  -0.665  1.00 0.00 ? 42 SER A CA   1 
ATOM 252 C C    . SER A 1 22 ? -9.509  12.729  0.327   1.00 0.00 ? 42 SER A C    1 
ATOM 253 O O    . SER A 1 22 ? -9.723  12.174  1.409   1.00 0.00 ? 42 SER A O    1 
ATOM 254 C CB   . SER A 1 22 ? -9.193  11.902  -2.033  1.00 0.00 ? 42 SER A CB   1 
ATOM 255 O OG   . SER A 1 22 ? -10.393 11.153  -1.928  1.00 0.00 ? 42 SER A OG   1 
ATOM 256 H H    . SER A 1 22 ? -8.710  10.220  0.258   1.00 0.00 ? 42 SER A H    1 
ATOM 257 H HA   . SER A 1 22 ? -7.675  12.761  -0.774  1.00 0.00 ? 42 SER A HA   1 
ATOM 258 H HB2  . SER A 1 22 ? -9.426  12.867  -2.462  1.00 0.00 ? 42 SER A HB2  1 
ATOM 259 H HB3  . SER A 1 22 ? -8.511  11.379  -2.686  1.00 0.00 ? 42 SER A HB3  1 
ATOM 260 H HG   . SER A 1 22 ? -11.128 11.690  -2.270  1.00 0.00 ? 42 SER A HG   1 
ATOM 261 N N    . SER A 1 23 ? -10.092 13.865  -0.015  1.00 0.00 ? 43 SER A N    1 
ATOM 262 C CA   . SER A 1 23 ? -11.010 14.548  0.888   1.00 0.00 ? 43 SER A CA   1 
ATOM 263 C C    . SER A 1 23 ? -12.238 13.687  1.196   1.00 0.00 ? 43 SER A C    1 
ATOM 264 O O    . SER A 1 23 ? -12.695 13.624  2.340   1.00 0.00 ? 43 SER A O    1 
ATOM 265 C CB   . SER A 1 23 ? -11.441 15.874  0.268   1.00 0.00 ? 43 SER A CB   1 
ATOM 266 O OG   . SER A 1 23 ? -10.325 16.551  -0.291  1.00 0.00 ? 43 SER A OG   1 
ATOM 267 H H    . SER A 1 23 ? -9.896  14.265  -0.889  1.00 0.00 ? 43 SER A H    1 
ATOM 268 H HA   . SER A 1 23 ? -10.486 14.747  1.809   1.00 0.00 ? 43 SER A HA   1 
ATOM 269 H HB2  . SER A 1 23 ? -12.165 15.691  -0.513  1.00 0.00 ? 43 SER A HB2  1 
ATOM 270 H HB3  . SER A 1 23 ? -11.882 16.498  1.030   1.00 0.00 ? 43 SER A HB3  1 
ATOM 271 H HG   . SER A 1 23 ? -10.615 17.042  -1.073  1.00 0.00 ? 43 SER A HG   1 
ATOM 272 N N    . GLU A 1 24 ? -12.759 13.017  0.178   1.00 0.00 ? 44 GLU A N    1 
ATOM 273 C CA   . GLU A 1 24 ? -13.999 12.261  0.315   1.00 0.00 ? 44 GLU A CA   1 
ATOM 274 C C    . GLU A 1 24 ? -13.766 10.904  0.976   1.00 0.00 ? 44 GLU A C    1 
ATOM 275 O O    . GLU A 1 24 ? -14.520 10.492  1.858   1.00 0.00 ? 44 GLU A O    1 
ATOM 276 C CB   . GLU A 1 24 ? -14.651 12.041  -1.050  1.00 0.00 ? 44 GLU A CB   1 
ATOM 277 C CG   . GLU A 1 24 ? -14.560 13.237  -1.980  1.00 0.00 ? 44 GLU A CG   1 
ATOM 278 C CD   . GLU A 1 24 ? -13.394 13.128  -2.946  1.00 0.00 ? 44 GLU A CD   1 
ATOM 279 O OE1  . GLU A 1 24 ? -13.620 13.221  -4.172  1.00 0.00 ? 44 GLU A OE1  1 
ATOM 280 O OE2  . GLU A 1 24 ? -12.251 12.926  -2.487  1.00 0.00 ? 44 GLU A OE2  1 
ATOM 281 H H    . GLU A 1 24 ? -12.302 13.037  -0.696  1.00 0.00 ? 44 GLU A H    1 
ATOM 282 H HA   . GLU A 1 24 ? -14.671 12.838  0.930   1.00 0.00 ? 44 GLU A HA   1 
ATOM 283 H HB2  . GLU A 1 24 ? -14.172 11.204  -1.533  1.00 0.00 ? 44 GLU A HB2  1 
ATOM 284 H HB3  . GLU A 1 24 ? -15.694 11.808  -0.899  1.00 0.00 ? 44 GLU A HB3  1 
ATOM 285 H HG2  . GLU A 1 24 ? -15.475 13.306  -2.544  1.00 0.00 ? 44 GLU A HG2  1 
ATOM 286 H HG3  . GLU A 1 24 ? -14.434 14.130  -1.386  1.00 0.00 ? 44 GLU A HG3  1 
ATOM 287 N N    . HIS A 1 25 ? -12.723 10.210  0.547   1.00 0.00 ? 45 HIS A N    1 
ATOM 288 C CA   . HIS A 1 25 ? -12.492 8.836   0.981   1.00 0.00 ? 45 HIS A CA   1 
ATOM 289 C C    . HIS A 1 25 ? -11.012 8.501   0.980   1.00 0.00 ? 45 HIS A C    1 
ATOM 290 O O    . HIS A 1 25 ? -10.252 8.997   0.152   1.00 0.00 ? 45 HIS A O    1 
ATOM 291 C CB   . HIS A 1 25 ? -13.268 7.826   0.099   1.00 0.00 ? 45 HIS A CB   1 
ATOM 292 C CG   . HIS A 1 25 ? -13.088 7.976   -1.392  1.00 0.00 ? 45 HIS A CG   1 
ATOM 293 N ND1  . HIS A 1 25 ? -13.207 6.919   -2.275  1.00 0.00 ? 45 HIS A ND1  1 
ATOM 294 C CD2  . HIS A 1 25 ? -12.851 9.069   -2.161  1.00 0.00 ? 45 HIS A CD2  1 
ATOM 295 C CE1  . HIS A 1 25 ? -13.047 7.359   -3.511  1.00 0.00 ? 45 HIS A CE1  1 
ATOM 296 N NE2  . HIS A 1 25 ? -12.833 8.658   -3.466  1.00 0.00 ? 45 HIS A NE2  1 
ATOM 297 H H    . HIS A 1 25 ? -12.077 10.639  -0.053  1.00 0.00 ? 45 HIS A H    1 
ATOM 298 H HA   . HIS A 1 25 ? -12.856 8.755   1.996   1.00 0.00 ? 45 HIS A HA   1 
ATOM 299 H HB2  . HIS A 1 25 ? -12.943 6.825   0.353   1.00 0.00 ? 45 HIS A HB2  1 
ATOM 300 H HB3  . HIS A 1 25 ? -14.323 7.915   0.315   1.00 0.00 ? 45 HIS A HB3  1 
ATOM 301 H HD1  . HIS A 1 25 ? -13.394 5.981   -2.030  1.00 0.00 ? 45 HIS A HD1  1 
ATOM 302 H HD2  . HIS A 1 25 ? -12.699 10.079  -1.809  1.00 0.00 ? 45 HIS A HD2  1 
ATOM 303 H HE1  . HIS A 1 25 ? -13.089 6.755   -4.405  1.00 0.00 ? 45 HIS A HE1  1 
ATOM 304 H HE2  . HIS A 1 25 ? -12.703 9.245   -4.248  1.00 0.00 ? 45 HIS A HE2  1 
ATOM 305 N N    . SER A 1 26 ? -10.610 7.665   1.921   1.00 0.00 ? 46 SER A N    1 
ATOM 306 C CA   . SER A 1 26 ? -9.251  7.179   1.973   1.00 0.00 ? 46 SER A CA   1 
ATOM 307 C C    . SER A 1 26 ? -9.210  5.768   1.424   1.00 0.00 ? 46 SER A C    1 
ATOM 308 O O    . SER A 1 26 ? -9.958  4.896   1.866   1.00 0.00 ? 46 SER A O    1 
ATOM 309 C CB   . SER A 1 26 ? -8.714  7.214   3.407   1.00 0.00 ? 46 SER A CB   1 
ATOM 310 O OG   . SER A 1 26 ? -9.575  6.524   4.301   1.00 0.00 ? 46 SER A OG   1 
ATOM 311 H H    . SER A 1 26 ? -11.257 7.347   2.590   1.00 0.00 ? 46 SER A H    1 
ATOM 312 H HA   . SER A 1 26 ? -8.643  7.817   1.349   1.00 0.00 ? 46 SER A HA   1 
ATOM 313 H HB2  . SER A 1 26 ? -7.739  6.749   3.434   1.00 0.00 ? 46 SER A HB2  1 
ATOM 314 H HB3  . SER A 1 26 ? -8.625  8.242   3.728   1.00 0.00 ? 46 SER A HB3  1 
ATOM 315 H HG   . SER A 1 26 ? -9.483  5.570   4.152   1.00 0.00 ? 46 SER A HG   1 
ATOM 316 N N    . PHE A 1 27 ? -8.370  5.553   0.438   1.00 0.00 ? 47 PHE A N    1 
ATOM 317 C CA   . PHE A 1 27 ? -8.278  4.261   -0.193  1.00 0.00 ? 47 PHE A CA   1 
ATOM 318 C C    . PHE A 1 27 ? -7.043  3.528   0.272   1.00 0.00 ? 47 PHE A C    1 
ATOM 319 O O    . PHE A 1 27 ? -6.252  4.050   1.054   1.00 0.00 ? 47 PHE A O    1 
ATOM 320 C CB   . PHE A 1 27 ? -8.244  4.411   -1.694  1.00 0.00 ? 47 PHE A CB   1 
ATOM 321 C CG   . PHE A 1 27 ? -9.145  3.461   -2.414  1.00 0.00 ? 47 PHE A CG   1 
ATOM 322 C CD1  . PHE A 1 27 ? -10.519 3.512   -2.227  1.00 0.00 ? 47 PHE A CD1  1 
ATOM 323 C CD2  . PHE A 1 27 ? -8.621  2.520   -3.282  1.00 0.00 ? 47 PHE A CD2  1 
ATOM 324 C CE1  . PHE A 1 27 ? -11.352 2.634   -2.897  1.00 0.00 ? 47 PHE A CE1  1 
ATOM 325 C CE2  . PHE A 1 27 ? -9.448  1.640   -3.954  1.00 0.00 ? 47 PHE A CE2  1 
ATOM 326 C CZ   . PHE A 1 27 ? -10.816 1.697   -3.761  1.00 0.00 ? 47 PHE A CZ   1 
ATOM 327 H H    . PHE A 1 27 ? -7.785  6.282   0.129   1.00 0.00 ? 47 PHE A H    1 
ATOM 328 H HA   . PHE A 1 27 ? -9.142  3.694   0.068   1.00 0.00 ? 47 PHE A HA   1 
ATOM 329 H HB2  . PHE A 1 27 ? -8.529  5.404   -1.951  1.00 0.00 ? 47 PHE A HB2  1 
ATOM 330 H HB3  . PHE A 1 27 ? -7.243  4.230   -2.023  1.00 0.00 ? 47 PHE A HB3  1 
ATOM 331 H HD1  . PHE A 1 27 ? -10.941 4.249   -1.547  1.00 0.00 ? 47 PHE A HD1  1 
ATOM 332 H HD2  . PHE A 1 27 ? -7.550  2.478   -3.433  1.00 0.00 ? 47 PHE A HD2  1 
ATOM 333 H HE1  . PHE A 1 27 ? -12.421 2.680   -2.746  1.00 0.00 ? 47 PHE A HE1  1 
ATOM 334 H HE2  . PHE A 1 27 ? -9.028  0.908   -4.628  1.00 0.00 ? 47 PHE A HE2  1 
ATOM 335 H HZ   . PHE A 1 27 ? -11.465 1.012   -4.286  1.00 0.00 ? 47 PHE A HZ   1 
ATOM 336 N N    . GLU A 1 28 ? -6.890  2.321   -0.214  1.00 0.00 ? 48 GLU A N    1 
ATOM 337 C CA   . GLU A 1 28 ? -5.725  1.512   0.088   1.00 0.00 ? 48 GLU A CA   1 
ATOM 338 C C    . GLU A 1 28 ? -5.425  0.565   -1.050  1.00 0.00 ? 48 GLU A C    1 
ATOM 339 O O    . GLU A 1 28 ? -6.315  -0.114  -1.563  1.00 0.00 ? 48 GLU A O    1 
ATOM 340 C CB   . GLU A 1 28 ? -5.901  0.745   1.397   1.00 0.00 ? 48 GLU A CB   1 
ATOM 341 C CG   . GLU A 1 28 ? -5.128  1.372   2.542   1.00 0.00 ? 48 GLU A CG   1 
ATOM 342 C CD   . GLU A 1 28 ? -5.512  0.839   3.904   1.00 0.00 ? 48 GLU A CD   1 
ATOM 343 O OE1  . GLU A 1 28 ? -4.867  1.234   4.896   1.00 0.00 ? 48 GLU A OE1  1 
ATOM 344 O OE2  . GLU A 1 28 ? -6.458  0.026   3.997   1.00 0.00 ? 48 GLU A OE2  1 
ATOM 345 H H    . GLU A 1 28 ? -7.575  1.970   -0.819  1.00 0.00 ? 48 GLU A H    1 
ATOM 346 H HA   . GLU A 1 28 ? -4.887  2.185   0.194   1.00 0.00 ? 48 GLU A HA   1 
ATOM 347 H HB2  . GLU A 1 28 ? -6.948  0.724   1.657   1.00 0.00 ? 48 GLU A HB2  1 
ATOM 348 H HB3  . GLU A 1 28 ? -5.547  -0.267  1.261   1.00 0.00 ? 48 GLU A HB3  1 
ATOM 349 H HG2  . GLU A 1 28 ? -4.076  1.181   2.389   1.00 0.00 ? 48 GLU A HG2  1 
ATOM 350 H HG3  . GLU A 1 28 ? -5.299  2.437   2.522   1.00 0.00 ? 48 GLU A HG3  1 
ATOM 351 N N    . VAL A 1 29 ? -4.173  0.548   -1.450  1.00 0.00 ? 49 VAL A N    1 
ATOM 352 C CA   . VAL A 1 29 ? -3.723  -0.310  -2.527  1.00 0.00 ? 49 VAL A CA   1 
ATOM 353 C C    . VAL A 1 29 ? -2.527  -1.127  -2.043  1.00 0.00 ? 49 VAL A C    1 
ATOM 354 O O    . VAL A 1 29 ? -1.683  -0.619  -1.298  1.00 0.00 ? 49 VAL A O    1 
ATOM 355 C CB   . VAL A 1 29 ? -3.342  0.515   -3.784  1.00 0.00 ? 49 VAL A CB   1 
ATOM 356 C CG1  . VAL A 1 29 ? -3.101  -0.394  -4.978  1.00 0.00 ? 49 VAL A CG1  1 
ATOM 357 C CG2  . VAL A 1 29 ? -4.417  1.543   -4.107  1.00 0.00 ? 49 VAL A CG2  1 
ATOM 358 H H    . VAL A 1 29 ? -3.521  1.126   -0.993  1.00 0.00 ? 49 VAL A H    1 
ATOM 359 H HA   . VAL A 1 29 ? -4.529  -0.984  -2.785  1.00 0.00 ? 49 VAL A HA   1 
ATOM 360 H HB   . VAL A 1 29 ? -2.421  1.043   -3.577  1.00 0.00 ? 49 VAL A HB   1 
ATOM 361 H HG11 . VAL A 1 29 ? -2.304  -1.086  -4.745  1.00 0.00 ? 49 VAL A HG11 1 
ATOM 362 H HG12 . VAL A 1 29 ? -4.003  -0.945  -5.196  1.00 0.00 ? 49 VAL A HG12 1 
ATOM 363 H HG13 . VAL A 1 29 ? -2.825  0.202   -5.834  1.00 0.00 ? 49 VAL A HG13 1 
ATOM 364 H HG21 . VAL A 1 29 ? -5.355  1.039   -4.283  1.00 0.00 ? 49 VAL A HG21 1 
ATOM 365 H HG22 . VAL A 1 29 ? -4.526  2.224   -3.274  1.00 0.00 ? 49 VAL A HG22 1 
ATOM 366 H HG23 . VAL A 1 29 ? -4.132  2.098   -4.990  1.00 0.00 ? 49 VAL A HG23 1 
ATOM 367 N N    . PRO A 1 30 ? -2.478  -2.421  -2.404  1.00 0.00 ? 50 PRO A N    1 
ATOM 368 C CA   . PRO A 1 30 ? -1.408  -3.322  -1.974  1.00 0.00 ? 50 PRO A CA   1 
ATOM 369 C C    . PRO A 1 30 ? -0.027  -2.932  -2.506  1.00 0.00 ? 50 PRO A C    1 
ATOM 370 O O    . PRO A 1 30 ? 0.245   -3.009  -3.703  1.00 0.00 ? 50 PRO A O    1 
ATOM 371 C CB   . PRO A 1 30 ? -1.830  -4.683  -2.536  1.00 0.00 ? 50 PRO A CB   1 
ATOM 372 C CG   . PRO A 1 30 ? -2.784  -4.375  -3.635  1.00 0.00 ? 50 PRO A CG   1 
ATOM 373 C CD   . PRO A 1 30 ? -3.477  -3.109  -3.239  1.00 0.00 ? 50 PRO A CD   1 
ATOM 374 H HA   . PRO A 1 30 ? -1.363  -3.381  -0.896  1.00 0.00 ? 50 PRO A HA   1 
ATOM 375 H HB2  . PRO A 1 30 ? -0.962  -5.207  -2.904  1.00 0.00 ? 50 PRO A HB2  1 
ATOM 376 H HB3  . PRO A 1 30 ? -2.302  -5.264  -1.756  1.00 0.00 ? 50 PRO A HB3  1 
ATOM 377 H HG2  . PRO A 1 30 ? -2.247  -4.229  -4.558  1.00 0.00 ? 50 PRO A HG2  1 
ATOM 378 H HG3  . PRO A 1 30 ? -3.497  -5.178  -3.737  1.00 0.00 ? 50 PRO A HG3  1 
ATOM 379 H HD2  . PRO A 1 30 ? -3.718  -2.521  -4.112  1.00 0.00 ? 50 PRO A HD2  1 
ATOM 380 H HD3  . PRO A 1 30 ? -4.368  -3.330  -2.671  1.00 0.00 ? 50 PRO A HD3  1 
ATOM 381 N N    . ILE A 1 31 ? 0.832   -2.525  -1.589  1.00 0.00 ? 51 ILE A N    1 
ATOM 382 C CA   . ILE A 1 31 ? 2.234   -2.277  -1.883  1.00 0.00 ? 51 ILE A CA   1 
ATOM 383 C C    . ILE A 1 31 ? 3.015   -3.558  -1.643  1.00 0.00 ? 51 ILE A C    1 
ATOM 384 O O    . ILE A 1 31 ? 2.696   -4.313  -0.732  1.00 0.00 ? 51 ILE A O    1 
ATOM 385 C CB   . ILE A 1 31 ? 2.824   -1.175  -0.972  1.00 0.00 ? 51 ILE A CB   1 
ATOM 386 C CG1  . ILE A 1 31 ? 2.163   0.176   -1.233  1.00 0.00 ? 51 ILE A CG1  1 
ATOM 387 C CG2  . ILE A 1 31 ? 4.328   -1.066  -1.165  1.00 0.00 ? 51 ILE A CG2  1 
ATOM 388 C CD1  . ILE A 1 31 ? 2.582   0.828   -2.528  1.00 0.00 ? 51 ILE A CD1  1 
ATOM 389 H H    . ILE A 1 31 ? 0.512   -2.394  -0.671  1.00 0.00 ? 51 ILE A H    1 
ATOM 390 H HA   . ILE A 1 31 ? 2.335   -1.971  -2.914  1.00 0.00 ? 51 ILE A HA   1 
ATOM 391 H HB   . ILE A 1 31 ? 2.643   -1.459  0.055   1.00 0.00 ? 51 ILE A HB   1 
ATOM 392 H HG12 . ILE A 1 31 ? 1.097   0.050   -1.261  1.00 0.00 ? 51 ILE A HG12 1 
ATOM 393 H HG13 . ILE A 1 31 ? 2.417   0.842   -0.430  1.00 0.00 ? 51 ILE A HG13 1 
ATOM 394 H HG21 . ILE A 1 31 ? 4.540   -0.820  -2.194  1.00 0.00 ? 51 ILE A HG21 1 
ATOM 395 H HG22 . ILE A 1 31 ? 4.717   -0.290  -0.522  1.00 0.00 ? 51 ILE A HG22 1 
ATOM 396 H HG23 . ILE A 1 31 ? 4.791   -2.008  -0.916  1.00 0.00 ? 51 ILE A HG23 1 
ATOM 397 H HD11 . ILE A 1 31 ? 2.486   0.120   -3.339  1.00 0.00 ? 51 ILE A HD11 1 
ATOM 398 H HD12 . ILE A 1 31 ? 1.944   1.684   -2.724  1.00 0.00 ? 51 ILE A HD12 1 
ATOM 399 H HD13 . ILE A 1 31 ? 3.609   1.154   -2.450  1.00 0.00 ? 51 ILE A HD13 1 
ATOM 400 N N    . TYR A 1 32 ? 4.012   -3.820  -2.462  1.00 0.00 ? 52 TYR A N    1 
ATOM 401 C CA   . TYR A 1 32 ? 4.889   -4.944  -2.218  1.00 0.00 ? 52 TYR A CA   1 
ATOM 402 C C    . TYR A 1 32 ? 6.334   -4.485  -2.214  1.00 0.00 ? 52 TYR A C    1 
ATOM 403 O O    . TYR A 1 32 ? 6.861   -4.025  -3.227  1.00 0.00 ? 52 TYR A O    1 
ATOM 404 C CB   . TYR A 1 32 ? 4.653   -6.049  -3.241  1.00 0.00 ? 52 TYR A CB   1 
ATOM 405 C CG   . TYR A 1 32 ? 3.360   -6.788  -3.002  1.00 0.00 ? 52 TYR A CG   1 
ATOM 406 C CD1  . TYR A 1 32 ? 3.293   -7.810  -2.062  1.00 0.00 ? 52 TYR A CD1  1 
ATOM 407 C CD2  . TYR A 1 32 ? 2.202   -6.456  -3.695  1.00 0.00 ? 52 TYR A CD2  1 
ATOM 408 C CE1  . TYR A 1 32 ? 2.112   -8.481  -1.824  1.00 0.00 ? 52 TYR A CE1  1 
ATOM 409 C CE2  . TYR A 1 32 ? 1.017   -7.125  -3.462  1.00 0.00 ? 52 TYR A CE2  1 
ATOM 410 C CZ   . TYR A 1 32 ? 0.978   -8.134  -2.524  1.00 0.00 ? 52 TYR A CZ   1 
ATOM 411 O OH   . TYR A 1 32 ? -0.201  -8.797  -2.288  1.00 0.00 ? 52 TYR A OH   1 
ATOM 412 H H    . TYR A 1 32 ? 4.164   -3.247  -3.242  1.00 0.00 ? 52 TYR A H    1 
ATOM 413 H HA   . TYR A 1 32 ? 4.650   -5.329  -1.232  1.00 0.00 ? 52 TYR A HA   1 
ATOM 414 H HB2  . TYR A 1 32 ? 4.618   -5.619  -4.231  1.00 0.00 ? 52 TYR A HB2  1 
ATOM 415 H HB3  . TYR A 1 32 ? 5.462   -6.765  -3.188  1.00 0.00 ? 52 TYR A HB3  1 
ATOM 416 H HD1  . TYR A 1 32 ? 4.188   -8.077  -1.511  1.00 0.00 ? 52 TYR A HD1  1 
ATOM 417 H HD2  . TYR A 1 32 ? 2.232   -5.662  -4.427  1.00 0.00 ? 52 TYR A HD2  1 
ATOM 418 H HE1  . TYR A 1 32 ? 2.082   -9.273  -1.089  1.00 0.00 ? 52 TYR A HE1  1 
ATOM 419 H HE2  . TYR A 1 32 ? 0.126   -6.855  -4.009  1.00 0.00 ? 52 TYR A HE2  1 
ATOM 420 H HH   . TYR A 1 32 ? -0.551  -9.126  -3.119  1.00 0.00 ? 52 TYR A HH   1 
ATOM 421 N N    . ALA A 1 33 ? 6.948   -4.587  -1.052  1.00 0.00 ? 53 ALA A N    1 
ATOM 422 C CA   . ALA A 1 33 ? 8.302   -4.113  -0.830  1.00 0.00 ? 53 ALA A CA   1 
ATOM 423 C C    . ALA A 1 33 ? 8.972   -5.003  0.203   1.00 0.00 ? 53 ALA A C    1 
ATOM 424 O O    . ALA A 1 33 ? 8.421   -6.035  0.565   1.00 0.00 ? 53 ALA A O    1 
ATOM 425 C CB   . ALA A 1 33 ? 8.280   -2.665  -0.365  1.00 0.00 ? 53 ALA A CB   1 
ATOM 426 H H    . ALA A 1 33 ? 6.474   -5.015  -0.305  1.00 0.00 ? 53 ALA A H    1 
ATOM 427 H HA   . ALA A 1 33 ? 8.844   -4.168  -1.765  1.00 0.00 ? 53 ALA A HA   1 
ATOM 428 H HB1  . ALA A 1 33 ? 7.812   -2.051  -1.120  1.00 0.00 ? 53 ALA A HB1  1 
ATOM 429 H HB2  . ALA A 1 33 ? 9.298   -2.316  -0.201  1.00 0.00 ? 53 ALA A HB2  1 
ATOM 430 H HB3  . ALA A 1 33 ? 7.723   -2.591  0.555   1.00 0.00 ? 53 ALA A HB3  1 
ATOM 431 N N    . GLU A 1 34 ? 10.164  -4.652  0.645   1.00 0.00 ? 54 GLU A N    1 
ATOM 432 C CA   . GLU A 1 34 ? 10.778  -5.367  1.752   1.00 0.00 ? 54 GLU A CA   1 
ATOM 433 C C    . GLU A 1 34 ? 10.462  -4.678  3.074   1.00 0.00 ? 54 GLU A C    1 
ATOM 434 O O    . GLU A 1 34 ? 9.886   -5.279  3.984   1.00 0.00 ? 54 GLU A O    1 
ATOM 435 C CB   . GLU A 1 34 ? 12.290  -5.472  1.570   1.00 0.00 ? 54 GLU A CB   1 
ATOM 436 C CG   . GLU A 1 34 ? 12.961  -6.303  2.650   1.00 0.00 ? 54 GLU A CG   1 
ATOM 437 C CD   . GLU A 1 34 ? 14.414  -6.578  2.350   1.00 0.00 ? 54 GLU A CD   1 
ATOM 438 O OE1  . GLU A 1 34 ? 14.703  -7.593  1.691   1.00 0.00 ? 54 GLU A OE1  1 
ATOM 439 O OE2  . GLU A 1 34 ? 15.275  -5.783  2.780   1.00 0.00 ? 54 GLU A OE2  1 
ATOM 440 H H    . GLU A 1 34 ? 10.650  -3.916  0.202   1.00 0.00 ? 54 GLU A H    1 
ATOM 441 H HA   . GLU A 1 34 ? 10.357  -6.362  1.772   1.00 0.00 ? 54 GLU A HA   1 
ATOM 442 H HB2  . GLU A 1 34 ? 12.498  -5.922  0.611   1.00 0.00 ? 54 GLU A HB2  1 
ATOM 443 H HB3  . GLU A 1 34 ? 12.714  -4.479  1.596   1.00 0.00 ? 54 GLU A HB3  1 
ATOM 444 H HG2  . GLU A 1 34 ? 12.900  -5.771  3.588   1.00 0.00 ? 54 GLU A HG2  1 
ATOM 445 H HG3  . GLU A 1 34 ? 12.442  -7.247  2.739   1.00 0.00 ? 54 GLU A HG3  1 
ATOM 446 N N    . THR A 1 35 ? 10.837  -3.410  3.166   1.00 0.00 ? 55 THR A N    1 
ATOM 447 C CA   . THR A 1 35 ? 10.647  -2.646  4.384   1.00 0.00 ? 55 THR A CA   1 
ATOM 448 C C    . THR A 1 35 ? 9.426   -1.745  4.278   1.00 0.00 ? 55 THR A C    1 
ATOM 449 O O    . THR A 1 35 ? 8.744   -1.724  3.250   1.00 0.00 ? 55 THR A O    1 
ATOM 450 C CB   . THR A 1 35 ? 11.890  -1.792  4.698   1.00 0.00 ? 55 THR A CB   1 
ATOM 451 O OG1  . THR A 1 35 ? 12.152  -0.890  3.612   1.00 0.00 ? 55 THR A OG1  1 
ATOM 452 C CG2  . THR A 1 35 ? 13.106  -2.673  4.930   1.00 0.00 ? 55 THR A CG2  1 
ATOM 453 H H    . THR A 1 35 ? 11.251  -2.977  2.392   1.00 0.00 ? 55 THR A H    1 
ATOM 454 H HA   . THR A 1 35 ? 10.496  -3.339  5.197   1.00 0.00 ? 55 THR A HA   1 
ATOM 455 H HB   . THR A 1 35 ? 11.700  -1.219  5.594   1.00 0.00 ? 55 THR A HB   1 
ATOM 456 H HG1  . THR A 1 35 ? 12.731  -1.326  2.965   1.00 0.00 ? 55 THR A HG1  1 
ATOM 457 H HG21 . THR A 1 35 ? 13.279  -3.285  4.055   1.00 0.00 ? 55 THR A HG21 1 
ATOM 458 H HG22 . THR A 1 35 ? 13.969  -2.051  5.113   1.00 0.00 ? 55 THR A HG22 1 
ATOM 459 H HG23 . THR A 1 35 ? 12.931  -3.308  5.786   1.00 0.00 ? 55 THR A HG23 1 
ATOM 460 N N    . LEU A 1 36 ? 9.167   -0.977  5.321   1.00 0.00 ? 56 LEU A N    1 
ATOM 461 C CA   . LEU A 1 36 ? 8.007   -0.112  5.343   1.00 0.00 ? 56 LEU A CA   1 
ATOM 462 C C    . LEU A 1 36 ? 8.362   1.182   4.633   1.00 0.00 ? 56 LEU A C    1 
ATOM 463 O O    . LEU A 1 36 ? 7.534   1.802   3.977   1.00 0.00 ? 56 LEU A O    1 
ATOM 464 C CB   . LEU A 1 36 ? 7.560   0.132   6.792   1.00 0.00 ? 56 LEU A CB   1 
ATOM 465 C CG   . LEU A 1 36 ? 6.216   0.854   6.975   1.00 0.00 ? 56 LEU A CG   1 
ATOM 466 C CD1  . LEU A 1 36 ? 6.387   2.364   6.899   1.00 0.00 ? 56 LEU A CD1  1 
ATOM 467 C CD2  . LEU A 1 36 ? 5.217   0.382   5.930   1.00 0.00 ? 56 LEU A CD2  1 
ATOM 468 H H    . LEU A 1 36 ? 9.790   -0.968  6.085   1.00 0.00 ? 56 LEU A H    1 
ATOM 469 H HA   . LEU A 1 36 ? 7.212   -0.604  4.800   1.00 0.00 ? 56 LEU A HA   1 
ATOM 470 H HB2  . LEU A 1 36 ? 7.496   -0.829  7.279   1.00 0.00 ? 56 LEU A HB2  1 
ATOM 471 H HB3  . LEU A 1 36 ? 8.324   0.713   7.286   1.00 0.00 ? 56 LEU A HB3  1 
ATOM 472 H HG   . LEU A 1 36 ? 5.818   0.613   7.949   1.00 0.00 ? 56 LEU A HG   1 
ATOM 473 H HD11 . LEU A 1 36 ? 6.815   2.630   5.943   1.00 0.00 ? 56 LEU A HD11 1 
ATOM 474 H HD12 . LEU A 1 36 ? 5.425   2.839   7.007   1.00 0.00 ? 56 LEU A HD12 1 
ATOM 475 H HD13 . LEU A 1 36 ? 7.043   2.692   7.692   1.00 0.00 ? 56 LEU A HD13 1 
ATOM 476 H HD21 . LEU A 1 36 ? 5.622   0.557   4.942   1.00 0.00 ? 56 LEU A HD21 1 
ATOM 477 H HD22 . LEU A 1 36 ? 5.032   -0.675  6.058   1.00 0.00 ? 56 LEU A HD22 1 
ATOM 478 H HD23 . LEU A 1 36 ? 4.291   0.927   6.043   1.00 0.00 ? 56 LEU A HD23 1 
ATOM 479 N N    . ASP A 1 37 ? 9.625   1.546   4.744   1.00 0.00 ? 57 ASP A N    1 
ATOM 480 C CA   . ASP A 1 37 ? 10.162  2.717   4.072   1.00 0.00 ? 57 ASP A CA   1 
ATOM 481 C C    . ASP A 1 37 ? 10.126  2.509   2.569   1.00 0.00 ? 57 ASP A C    1 
ATOM 482 O O    . ASP A 1 37 ? 9.835   3.428   1.800   1.00 0.00 ? 57 ASP A O    1 
ATOM 483 C CB   . ASP A 1 37 ? 11.594  2.938   4.533   1.00 0.00 ? 57 ASP A CB   1 
ATOM 484 C CG   . ASP A 1 37 ? 12.171  4.248   4.044   1.00 0.00 ? 57 ASP A CG   1 
ATOM 485 O OD1  . ASP A 1 37 ? 12.027  5.268   4.752   1.00 0.00 ? 57 ASP A OD1  1 
ATOM 486 O OD2  . ASP A 1 37 ? 12.778  4.268   2.956   1.00 0.00 ? 57 ASP A OD2  1 
ATOM 487 H H    . ASP A 1 37 ? 10.228  0.999   5.296   1.00 0.00 ? 57 ASP A H    1 
ATOM 488 H HA   . ASP A 1 37 ? 9.559   3.571   4.334   1.00 0.00 ? 57 ASP A HA   1 
ATOM 489 H HB2  . ASP A 1 37 ? 11.619  2.921   5.612   1.00 0.00 ? 57 ASP A HB2  1 
ATOM 490 H HB3  . ASP A 1 37 ? 12.204  2.136   4.154   1.00 0.00 ? 57 ASP A HB3  1 
ATOM 491 N N    . GLU A 1 38 ? 10.404  1.279   2.169   1.00 0.00 ? 58 GLU A N    1 
ATOM 492 C CA   . GLU A 1 38 ? 10.354  0.895   0.771   1.00 0.00 ? 58 GLU A CA   1 
ATOM 493 C C    . GLU A 1 38 ? 8.922   0.926   0.277   1.00 0.00 ? 58 GLU A C    1 
ATOM 494 O O    . GLU A 1 38 ? 8.623   1.466   -0.782  1.00 0.00 ? 58 GLU A O    1 
ATOM 495 C CB   . GLU A 1 38 ? 10.939  -0.498  0.593   1.00 0.00 ? 58 GLU A CB   1 
ATOM 496 C CG   . GLU A 1 38 ? 10.974  -0.945  -0.851  1.00 0.00 ? 58 GLU A CG   1 
ATOM 497 C CD   . GLU A 1 38 ? 11.884  -2.129  -1.075  1.00 0.00 ? 58 GLU A CD   1 
ATOM 498 O OE1  . GLU A 1 38 ? 11.373  -3.246  -1.255  1.00 0.00 ? 58 GLU A OE1  1 
ATOM 499 O OE2  . GLU A 1 38 ? 13.119  -1.957  -1.046  1.00 0.00 ? 58 GLU A OE2  1 
ATOM 500 H H    . GLU A 1 38 ? 10.656  0.608   2.840   1.00 0.00 ? 58 GLU A H    1 
ATOM 501 H HA   . GLU A 1 38 ? 10.935  1.596   0.202   1.00 0.00 ? 58 GLU A HA   1 
ATOM 502 H HB2  . GLU A 1 38 ? 11.948  -0.506  0.982   1.00 0.00 ? 58 GLU A HB2  1 
ATOM 503 H HB3  . GLU A 1 38 ? 10.342  -1.201  1.153   1.00 0.00 ? 58 GLU A HB3  1 
ATOM 504 H HG2  . GLU A 1 38 ? 9.976   -1.216  -1.154  1.00 0.00 ? 58 GLU A HG2  1 
ATOM 505 H HG3  . GLU A 1 38 ? 11.301  -0.132  -1.448  1.00 0.00 ? 58 GLU A HG3  1 
ATOM 506 N N    . ALA A 1 39 ? 8.049   0.340   1.068   1.00 0.00 ? 59 ALA A N    1 
ATOM 507 C CA   . ALA A 1 39 ? 6.620   0.345   0.791   1.00 0.00 ? 59 ALA A CA   1 
ATOM 508 C C    . ALA A 1 39 ? 6.094   1.769   0.699   1.00 0.00 ? 59 ALA A C    1 
ATOM 509 O O    . ALA A 1 39 ? 5.246   2.091   -0.136  1.00 0.00 ? 59 ALA A O    1 
ATOM 510 C CB   . ALA A 1 39 ? 5.885   -0.409  1.882   1.00 0.00 ? 59 ALA A CB   1 
ATOM 511 H H    . ALA A 1 39 ? 8.383   -0.126  1.859   1.00 0.00 ? 59 ALA A H    1 
ATOM 512 H HA   . ALA A 1 39 ? 6.454   -0.161  -0.147  1.00 0.00 ? 59 ALA A HA   1 
ATOM 513 H HB1  . ALA A 1 39 ? 4.837   -0.471  1.634   1.00 0.00 ? 59 ALA A HB1  1 
ATOM 514 H HB2  . ALA A 1 39 ? 6.001   0.112   2.822   1.00 0.00 ? 59 ALA A HB2  1 
ATOM 515 H HB3  . ALA A 1 39 ? 6.295   -1.405  1.970   1.00 0.00 ? 59 ALA A HB3  1 
ATOM 516 N N    . LEU A 1 40 ? 6.614   2.610   1.570   1.00 0.00 ? 60 LEU A N    1 
ATOM 517 C CA   . LEU A 1 40 ? 6.221   3.997   1.646   1.00 0.00 ? 60 LEU A CA   1 
ATOM 518 C C    . LEU A 1 40 ? 6.606   4.744   0.376   1.00 0.00 ? 60 LEU A C    1 
ATOM 519 O O    . LEU A 1 40 ? 5.775   5.436   -0.217  1.00 0.00 ? 60 LEU A O    1 
ATOM 520 C CB   . LEU A 1 40 ? 6.883   4.629   2.866   1.00 0.00 ? 60 LEU A CB   1 
ATOM 521 C CG   . LEU A 1 40 ? 5.942   5.356   3.825   1.00 0.00 ? 60 LEU A CG   1 
ATOM 522 C CD1  . LEU A 1 40 ? 6.690   5.730   5.092   1.00 0.00 ? 60 LEU A CD1  1 
ATOM 523 C CD2  . LEU A 1 40 ? 5.351   6.592   3.168   1.00 0.00 ? 60 LEU A CD2  1 
ATOM 524 H H    . LEU A 1 40 ? 7.285   2.278   2.205   1.00 0.00 ? 60 LEU A H    1 
ATOM 525 H HA   . LEU A 1 40 ? 5.148   4.032   1.762   1.00 0.00 ? 60 LEU A HA   1 
ATOM 526 H HB2  . LEU A 1 40 ? 7.384   3.840   3.414   1.00 0.00 ? 60 LEU A HB2  1 
ATOM 527 H HB3  . LEU A 1 40 ? 7.629   5.330   2.525   1.00 0.00 ? 60 LEU A HB3  1 
ATOM 528 H HG   . LEU A 1 40 ? 5.132   4.696   4.097   1.00 0.00 ? 60 LEU A HG   1 
ATOM 529 H HD11 . LEU A 1 40 ? 7.084   4.834   5.551   1.00 0.00 ? 60 LEU A HD11 1 
ATOM 530 H HD12 . LEU A 1 40 ? 7.504   6.394   4.846   1.00 0.00 ? 60 LEU A HD12 1 
ATOM 531 H HD13 . LEU A 1 40 ? 6.017   6.221   5.776   1.00 0.00 ? 60 LEU A HD13 1 
ATOM 532 H HD21 . LEU A 1 40 ? 4.808   6.302   2.280   1.00 0.00 ? 60 LEU A HD21 1 
ATOM 533 H HD22 . LEU A 1 40 ? 4.679   7.082   3.858   1.00 0.00 ? 60 LEU A HD22 1 
ATOM 534 H HD23 . LEU A 1 40 ? 6.146   7.272   2.897   1.00 0.00 ? 60 LEU A HD23 1 
ATOM 535 N N    . GLU A 1 41 ? 7.859   4.594   -0.057  1.00 0.00 ? 61 GLU A N    1 
ATOM 536 C CA   . GLU A 1 41 ? 8.296   5.238   -1.283  1.00 0.00 ? 61 GLU A CA   1 
ATOM 537 C C    . GLU A 1 41 ? 7.573   4.616   -2.465  1.00 0.00 ? 61 GLU A C    1 
ATOM 538 O O    . GLU A 1 41 ? 7.211   5.314   -3.400  1.00 0.00 ? 61 GLU A O    1 
ATOM 539 C CB   . GLU A 1 41 ? 9.820   5.151   -1.472  1.00 0.00 ? 61 GLU A CB   1 
ATOM 540 C CG   . GLU A 1 41 ? 10.331  3.798   -1.937  1.00 0.00 ? 61 GLU A CG   1 
ATOM 541 C CD   . GLU A 1 41 ? 11.842  3.728   -1.935  1.00 0.00 ? 61 GLU A CD   1 
ATOM 542 O OE1  . GLU A 1 41 ? 12.419  3.174   -0.975  1.00 0.00 ? 61 GLU A OE1  1 
ATOM 543 O OE2  . GLU A 1 41 ? 12.465  4.234   -2.893  1.00 0.00 ? 61 GLU A OE2  1 
ATOM 544 H H    . GLU A 1 41 ? 8.489   4.044   0.460   1.00 0.00 ? 61 GLU A H    1 
ATOM 545 H HA   . GLU A 1 41 ? 8.013   6.279   -1.220  1.00 0.00 ? 61 GLU A HA   1 
ATOM 546 H HB2  . GLU A 1 41 ? 10.118  5.886   -2.212  1.00 0.00 ? 61 GLU A HB2  1 
ATOM 547 H HB3  . GLU A 1 41 ? 10.300  5.389   -0.534  1.00 0.00 ? 61 GLU A HB3  1 
ATOM 548 H HG2  . GLU A 1 41 ? 9.942   3.028   -1.287  1.00 0.00 ? 61 GLU A HG2  1 
ATOM 549 H HG3  . GLU A 1 41 ? 9.980   3.630   -2.947  1.00 0.00 ? 61 GLU A HG3  1 
ATOM 550 N N    . LEU A 1 42 ? 7.337   3.303   -2.385  1.00 0.00 ? 62 LEU A N    1 
ATOM 551 C CA   . LEU A 1 42 ? 6.632   2.569   -3.430  1.00 0.00 ? 62 LEU A CA   1 
ATOM 552 C C    . LEU A 1 42 ? 5.293   3.227   -3.725  1.00 0.00 ? 62 LEU A C    1 
ATOM 553 O O    . LEU A 1 42 ? 4.952   3.459   -4.880  1.00 0.00 ? 62 LEU A O    1 
ATOM 554 C CB   . LEU A 1 42 ? 6.403   1.118   -2.997  1.00 0.00 ? 62 LEU A CB   1 
ATOM 555 C CG   . LEU A 1 42 ? 6.775   0.043   -4.024  1.00 0.00 ? 62 LEU A CG   1 
ATOM 556 C CD1  . LEU A 1 42 ? 6.131   0.322   -5.375  1.00 0.00 ? 62 LEU A CD1  1 
ATOM 557 C CD2  . LEU A 1 42 ? 8.288   -0.066  -4.154  1.00 0.00 ? 62 LEU A CD2  1 
ATOM 558 H H    . LEU A 1 42 ? 7.663   2.810   -1.596  1.00 0.00 ? 62 LEU A H    1 
ATOM 559 H HA   . LEU A 1 42 ? 7.235   2.585   -4.325  1.00 0.00 ? 62 LEU A HA   1 
ATOM 560 H HB2  . LEU A 1 42 ? 6.982   0.941   -2.102  1.00 0.00 ? 62 LEU A HB2  1 
ATOM 561 H HB3  . LEU A 1 42 ? 5.356   1.002   -2.754  1.00 0.00 ? 62 LEU A HB3  1 
ATOM 562 H HG   . LEU A 1 42 ? 6.402   -0.911  -3.675  1.00 0.00 ? 62 LEU A HG   1 
ATOM 563 H HD11 . LEU A 1 42 ? 6.450   1.290   -5.732  1.00 0.00 ? 62 LEU A HD11 1 
ATOM 564 H HD12 . LEU A 1 42 ? 6.430   -0.438  -6.080  1.00 0.00 ? 62 LEU A HD12 1 
ATOM 565 H HD13 . LEU A 1 42 ? 5.057   0.314   -5.270  1.00 0.00 ? 62 LEU A HD13 1 
ATOM 566 H HD21 . LEU A 1 42 ? 8.711   0.919   -4.293  1.00 0.00 ? 62 LEU A HD21 1 
ATOM 567 H HD22 . LEU A 1 42 ? 8.697   -0.511  -3.255  1.00 0.00 ? 62 LEU A HD22 1 
ATOM 568 H HD23 . LEU A 1 42 ? 8.531   -0.685  -5.005  1.00 0.00 ? 62 LEU A HD23 1 
ATOM 569 N N    . ALA A 1 43 ? 4.536   3.512   -2.676  1.00 0.00 ? 63 ALA A N    1 
ATOM 570 C CA   . ALA A 1 43 ? 3.270   4.212   -2.815  1.00 0.00 ? 63 ALA A CA   1 
ATOM 571 C C    . ALA A 1 43 ? 3.453   5.539   -3.539  1.00 0.00 ? 63 ALA A C    1 
ATOM 572 O O    . ALA A 1 43 ? 2.971   5.707   -4.650  1.00 0.00 ? 63 ALA A O    1 
ATOM 573 C CB   . ALA A 1 43 ? 2.644   4.436   -1.453  1.00 0.00 ? 63 ALA A CB   1 
ATOM 574 H H    . ALA A 1 43 ? 4.826   3.221   -1.782  1.00 0.00 ? 63 ALA A H    1 
ATOM 575 H HA   . ALA A 1 43 ? 2.604   3.587   -3.396  1.00 0.00 ? 63 ALA A HA   1 
ATOM 576 H HB1  . ALA A 1 43 ? 3.290   5.062   -0.858  1.00 0.00 ? 63 ALA A HB1  1 
ATOM 577 H HB2  . ALA A 1 43 ? 1.685   4.917   -1.574  1.00 0.00 ? 63 ALA A HB2  1 
ATOM 578 H HB3  . ALA A 1 43 ? 2.509   3.484   -0.959  1.00 0.00 ? 63 ALA A HB3  1 
ATOM 579 N N    . GLU A 1 44 ? 4.187   6.461   -2.935  1.00 0.00 ? 64 GLU A N    1 
ATOM 580 C CA   . GLU A 1 44 ? 4.385   7.790   -3.520  1.00 0.00 ? 64 GLU A CA   1 
ATOM 581 C C    . GLU A 1 44 ? 5.032   7.712   -4.912  1.00 0.00 ? 64 GLU A C    1 
ATOM 582 O O    . GLU A 1 44 ? 5.016   8.678   -5.673  1.00 0.00 ? 64 GLU A O    1 
ATOM 583 C CB   . GLU A 1 44 ? 5.256   8.637   -2.598  1.00 0.00 ? 64 GLU A CB   1 
ATOM 584 C CG   . GLU A 1 44 ? 4.633   8.925   -1.245  1.00 0.00 ? 64 GLU A CG   1 
ATOM 585 C CD   . GLU A 1 44 ? 5.452   9.902   -0.429  1.00 0.00 ? 64 GLU A CD   1 
ATOM 586 O OE1  . GLU A 1 44 ? 5.361   11.118  -0.694  1.00 0.00 ? 64 GLU A OE1  1 
ATOM 587 O OE2  . GLU A 1 44 ? 6.189   9.463   0.476   1.00 0.00 ? 64 GLU A OE2  1 
ATOM 588 H H    . GLU A 1 44 ? 4.613   6.246   -2.077  1.00 0.00 ? 64 GLU A H    1 
ATOM 589 H HA   . GLU A 1 44 ? 3.417   8.259   -3.612  1.00 0.00 ? 64 GLU A HA   1 
ATOM 590 H HB2  . GLU A 1 44 ? 6.176   8.110   -2.429  1.00 0.00 ? 64 GLU A HB2  1 
ATOM 591 H HB3  . GLU A 1 44 ? 5.469   9.577   -3.083  1.00 0.00 ? 64 GLU A HB3  1 
ATOM 592 H HG2  . GLU A 1 44 ? 3.649   9.344   -1.396  1.00 0.00 ? 64 GLU A HG2  1 
ATOM 593 H HG3  . GLU A 1 44 ? 4.550   7.998   -0.696  1.00 0.00 ? 64 GLU A HG3  1 
ATOM 594 N N    . TRP A 1 45 ? 5.596   6.556   -5.224  1.00 0.00 ? 65 TRP A N    1 
ATOM 595 C CA   . TRP A 1 45 ? 6.302   6.327   -6.478  1.00 0.00 ? 65 TRP A CA   1 
ATOM 596 C C    . TRP A 1 45 ? 5.356   5.792   -7.557  1.00 0.00 ? 65 TRP A C    1 
ATOM 597 O O    . TRP A 1 45 ? 5.342   6.271   -8.690  1.00 0.00 ? 65 TRP A O    1 
ATOM 598 C CB   . TRP A 1 45 ? 7.416   5.309   -6.217  1.00 0.00 ? 65 TRP A CB   1 
ATOM 599 C CG   . TRP A 1 45 ? 8.397   5.150   -7.325  1.00 0.00 ? 65 TRP A CG   1 
ATOM 600 C CD1  . TRP A 1 45 ? 9.488   5.926   -7.556  1.00 0.00 ? 65 TRP A CD1  1 
ATOM 601 C CD2  . TRP A 1 45 ? 8.401   4.129   -8.324  1.00 0.00 ? 65 TRP A CD2  1 
ATOM 602 N NE1  . TRP A 1 45 ? 10.155  5.473   -8.668  1.00 0.00 ? 65 TRP A NE1  1 
ATOM 603 C CE2  . TRP A 1 45 ? 9.509   4.364   -9.154  1.00 0.00 ? 65 TRP A CE2  1 
ATOM 604 C CE3  . TRP A 1 45 ? 7.564   3.045   -8.603  1.00 0.00 ? 65 TRP A CE3  1 
ATOM 605 C CZ2  . TRP A 1 45 ? 9.807   3.552   -10.246 1.00 0.00 ? 65 TRP A CZ2  1 
ATOM 606 C CZ3  . TRP A 1 45 ? 7.862   2.238   -9.682  1.00 0.00 ? 65 TRP A CZ3  1 
ATOM 607 C CH2  . TRP A 1 45 ? 8.976   2.492   -10.492 1.00 0.00 ? 65 TRP A CH2  1 
ATOM 608 H H    . TRP A 1 45 ? 5.548   5.823   -4.574  1.00 0.00 ? 65 TRP A H    1 
ATOM 609 H HA   . TRP A 1 45 ? 6.736   7.257   -6.807  1.00 0.00 ? 65 TRP A HA   1 
ATOM 610 H HB2  . TRP A 1 45 ? 7.964   5.611   -5.338  1.00 0.00 ? 65 TRP A HB2  1 
ATOM 611 H HB3  . TRP A 1 45 ? 6.968   4.342   -6.031  1.00 0.00 ? 65 TRP A HB3  1 
ATOM 612 H HD1  . TRP A 1 45 ? 9.763   6.778   -6.949  1.00 0.00 ? 65 TRP A HD1  1 
ATOM 613 H HE1  . TRP A 1 45 ? 10.968  5.874   -9.050  1.00 0.00 ? 65 TRP A HE1  1 
ATOM 614 H HE3  . TRP A 1 45 ? 6.701   2.830   -7.988  1.00 0.00 ? 65 TRP A HE3  1 
ATOM 615 H HZ2  . TRP A 1 45 ? 10.662  3.735   -10.878 1.00 0.00 ? 65 TRP A HZ2  1 
ATOM 616 H HZ3  . TRP A 1 45 ? 7.231   1.390   -9.908  1.00 0.00 ? 65 TRP A HZ3  1 
ATOM 617 H HH2  . TRP A 1 45 ? 9.169   1.836   -11.327 1.00 0.00 ? 65 TRP A HH2  1 
ATOM 618 N N    . GLN A 1 46 ? 4.564   4.797   -7.184  1.00 0.00 ? 66 GLN A N    1 
ATOM 619 C CA   . GLN A 1 46 ? 3.761   4.045   -8.135  1.00 0.00 ? 66 GLN A CA   1 
ATOM 620 C C    . GLN A 1 46 ? 2.374   4.652   -8.246  1.00 0.00 ? 66 GLN A C    1 
ATOM 621 O O    . GLN A 1 46 ? 1.703   4.546   -9.273  1.00 0.00 ? 66 GLN A O    1 
ATOM 622 C CB   . GLN A 1 46 ? 3.653   2.593   -7.664  1.00 0.00 ? 66 GLN A CB   1 
ATOM 623 C CG   . GLN A 1 46 ? 3.062   1.643   -8.696  1.00 0.00 ? 66 GLN A CG   1 
ATOM 624 C CD   . GLN A 1 46 ? 3.982   1.401   -9.876  1.00 0.00 ? 66 GLN A CD   1 
ATOM 625 O OE1  . GLN A 1 46 ? 3.947   2.125   -10.868 1.00 0.00 ? 66 GLN A OE1  1 
ATOM 626 N NE2  . GLN A 1 46 ? 4.798   0.362   -9.785  1.00 0.00 ? 66 GLN A NE2  1 
ATOM 627 H H    . GLN A 1 46 ? 4.482   4.585   -6.225  1.00 0.00 ? 66 GLN A H    1 
ATOM 628 H HA   . GLN A 1 46 ? 4.246   4.073   -9.097  1.00 0.00 ? 66 GLN A HA   1 
ATOM 629 H HB2  . GLN A 1 46 ? 4.638   2.239   -7.397  1.00 0.00 ? 66 GLN A HB2  1 
ATOM 630 H HB3  . GLN A 1 46 ? 3.026   2.564   -6.786  1.00 0.00 ? 66 GLN A HB3  1 
ATOM 631 H HG2  . GLN A 1 46 ? 2.862   0.699   -8.219  1.00 0.00 ? 66 GLN A HG2  1 
ATOM 632 H HG3  . GLN A 1 46 ? 2.136   2.063   -9.060  1.00 0.00 ? 66 GLN A HG3  1 
ATOM 633 H HE21 . GLN A 1 46 ? 4.761   -0.185  -8.975  1.00 0.00 ? 66 GLN A HE21 1 
ATOM 634 H HE22 . GLN A 1 46 ? 5.405   0.179   -10.540 1.00 0.00 ? 66 GLN A HE22 1 
ATOM 635 N N    . TYR A 1 47 ? 1.976   5.315   -7.174  1.00 0.00 ? 67 TYR A N    1 
ATOM 636 C CA   . TYR A 1 47 ? 0.596   5.719   -6.964  1.00 0.00 ? 67 TYR A CA   1 
ATOM 637 C C    . TYR A 1 47 ? 0.324   7.133   -7.460  1.00 0.00 ? 67 TYR A C    1 
ATOM 638 O O    . TYR A 1 47 ? -0.640  7.772   -7.038  1.00 0.00 ? 67 TYR A O    1 
ATOM 639 C CB   . TYR A 1 47 ? 0.275   5.613   -5.474  1.00 0.00 ? 67 TYR A CB   1 
ATOM 640 C CG   . TYR A 1 47 ? 0.136   4.194   -4.967  1.00 0.00 ? 67 TYR A CG   1 
ATOM 641 C CD1  . TYR A 1 47 ? -0.731  3.903   -3.932  1.00 0.00 ? 67 TYR A CD1  1 
ATOM 642 C CD2  . TYR A 1 47 ? 0.851   3.147   -5.536  1.00 0.00 ? 67 TYR A CD2  1 
ATOM 643 C CE1  . TYR A 1 47 ? -0.888  2.613   -3.478  1.00 0.00 ? 67 TYR A CE1  1 
ATOM 644 C CE2  . TYR A 1 47 ? 0.705   1.859   -5.088  1.00 0.00 ? 67 TYR A CE2  1 
ATOM 645 C CZ   . TYR A 1 47 ? -0.167  1.594   -4.061  1.00 0.00 ? 67 TYR A CZ   1 
ATOM 646 O OH   . TYR A 1 47 ? -0.321  0.304   -3.619  1.00 0.00 ? 67 TYR A OH   1 
ATOM 647 H H    . TYR A 1 47 ? 2.640   5.542   -6.486  1.00 0.00 ? 67 TYR A H    1 
ATOM 648 H HA   . TYR A 1 47 ? -0.036  5.033   -7.502  1.00 0.00 ? 67 TYR A HA   1 
ATOM 649 H HB2  . TYR A 1 47 ? 1.064   6.085   -4.911  1.00 0.00 ? 67 TYR A HB2  1 
ATOM 650 H HB3  . TYR A 1 47 ? -0.642  6.125   -5.280  1.00 0.00 ? 67 TYR A HB3  1 
ATOM 651 H HD1  . TYR A 1 47 ? -1.290  4.707   -3.477  1.00 0.00 ? 67 TYR A HD1  1 
ATOM 652 H HD2  . TYR A 1 47 ? 1.545   3.357   -6.332  1.00 0.00 ? 67 TYR A HD2  1 
ATOM 653 H HE1  . TYR A 1 47 ? -1.571  2.409   -2.670  1.00 0.00 ? 67 TYR A HE1  1 
ATOM 654 H HE2  . TYR A 1 47 ? 1.271   1.061   -5.545  1.00 0.00 ? 67 TYR A HE2  1 
ATOM 655 H HH   . TYR A 1 47 ? 0.534   -0.137  -3.603  1.00 0.00 ? 67 TYR A HH   1 
ATOM 656 N N    . VAL A 1 48 ? 1.159   7.613   -8.365  1.00 0.00 ? 68 VAL A N    1 
ATOM 657 C CA   . VAL A 1 48 ? 0.957   8.929   -8.960  1.00 0.00 ? 68 VAL A CA   1 
ATOM 658 C C    . VAL A 1 48 ? -0.348  8.969   -9.776  1.00 0.00 ? 68 VAL A C    1 
ATOM 659 O O    . VAL A 1 48 ? -1.208  9.814   -9.522  1.00 0.00 ? 68 VAL A O    1 
ATOM 660 C CB   . VAL A 1 48 ? 2.152   9.349   -9.844  1.00 0.00 ? 68 VAL A CB   1 
ATOM 661 C CG1  . VAL A 1 48 ? 1.916   10.721  -10.461 1.00 0.00 ? 68 VAL A CG1  1 
ATOM 662 C CG2  . VAL A 1 48 ? 3.440   9.343   -9.035  1.00 0.00 ? 68 VAL A CG2  1 
ATOM 663 H H    . VAL A 1 48 ? 1.927   7.073   -8.644  1.00 0.00 ? 68 VAL A H    1 
ATOM 664 H HA   . VAL A 1 48 ? 0.876   9.642   -8.150  1.00 0.00 ? 68 VAL A HA   1 
ATOM 665 H HB   . VAL A 1 48 ? 2.252   8.630   -10.645 1.00 0.00 ? 68 VAL A HB   1 
ATOM 666 H HG11 . VAL A 1 48 ? 1.026   10.694  -11.071 1.00 0.00 ? 68 VAL A HG11 1 
ATOM 667 H HG12 . VAL A 1 48 ? 1.793   11.452  -9.675  1.00 0.00 ? 68 VAL A HG12 1 
ATOM 668 H HG13 . VAL A 1 48 ? 2.764   10.991  -11.073 1.00 0.00 ? 68 VAL A HG13 1 
ATOM 669 H HG21 . VAL A 1 48 ? 3.347   10.028  -8.207  1.00 0.00 ? 68 VAL A HG21 1 
ATOM 670 H HG22 . VAL A 1 48 ? 3.625   8.346   -8.658  1.00 0.00 ? 68 VAL A HG22 1 
ATOM 671 H HG23 . VAL A 1 48 ? 4.262   9.649   -9.665  1.00 0.00 ? 68 VAL A HG23 1 
ATOM 672 N N    . PRO A 1 49 ? -0.538  8.045   -10.749 1.00 0.00 ? 69 PRO A N    1 
ATOM 673 C CA   . PRO A 1 49 ? -1.759  7.997   -11.562 1.00 0.00 ? 69 PRO A CA   1 
ATOM 674 C C    . PRO A 1 49 ? -2.957  7.413   -10.809 1.00 0.00 ? 69 PRO A C    1 
ATOM 675 O O    . PRO A 1 49 ? -4.005  7.159   -11.402 1.00 0.00 ? 69 PRO A O    1 
ATOM 676 C CB   . PRO A 1 49 ? -1.384  7.087   -12.746 1.00 0.00 ? 69 PRO A CB   1 
ATOM 677 C CG   . PRO A 1 49 ? 0.081   6.832   -12.621 1.00 0.00 ? 69 PRO A CG   1 
ATOM 678 C CD   . PRO A 1 49 ? 0.409   7.002   -11.167 1.00 0.00 ? 69 PRO A CD   1 
ATOM 679 H HA   . PRO A 1 49 ? -2.020  8.977   -11.935 1.00 0.00 ? 69 PRO A HA   1 
ATOM 680 H HB2  . PRO A 1 49 ? -1.947  6.167   -12.685 1.00 0.00 ? 69 PRO A HB2  1 
ATOM 681 H HB3  . PRO A 1 49 ? -1.616  7.589   -13.676 1.00 0.00 ? 69 PRO A HB3  1 
ATOM 682 H HG2  . PRO A 1 49 ? 0.306   5.825   -12.940 1.00 0.00 ? 69 PRO A HG2  1 
ATOM 683 H HG3  . PRO A 1 49 ? 0.629   7.547   -13.215 1.00 0.00 ? 69 PRO A HG3  1 
ATOM 684 H HD2  . PRO A 1 49 ? 0.236   6.081   -10.629 1.00 0.00 ? 69 PRO A HD2  1 
ATOM 685 H HD3  . PRO A 1 49 ? 1.430   7.333   -11.043 1.00 0.00 ? 69 PRO A HD3  1 
ATOM 686 N N    . ALA A 1 50 ? -2.806  7.205   -9.502  1.00 0.00 ? 70 ALA A N    1 
ATOM 687 C CA   . ALA A 1 50 ? -3.893  6.675   -8.685  1.00 0.00 ? 70 ALA A CA   1 
ATOM 688 C C    . ALA A 1 50 ? -4.878  7.783   -8.319  1.00 0.00 ? 70 ALA A C    1 
ATOM 689 O O    . ALA A 1 50 ? -5.996  7.515   -7.882  1.00 0.00 ? 70 ALA A O    1 
ATOM 690 C CB   . ALA A 1 50 ? -3.351  6.004   -7.426  1.00 0.00 ? 70 ALA A CB   1 
ATOM 691 H H    . ALA A 1 50 ? -1.949  7.423   -9.082  1.00 0.00 ? 70 ALA A H    1 
ATOM 692 H HA   . ALA A 1 50 ? -4.411  5.927   -9.267  1.00 0.00 ? 70 ALA A HA   1 
ATOM 693 H HB1  . ALA A 1 50 ? -4.170  5.573   -6.863  1.00 0.00 ? 70 ALA A HB1  1 
ATOM 694 H HB2  . ALA A 1 50 ? -2.657  5.224   -7.701  1.00 0.00 ? 70 ALA A HB2  1 
ATOM 695 H HB3  . ALA A 1 50 ? -2.844  6.738   -6.817  1.00 0.00 ? 70 ALA A HB3  1 
ATOM 696 N N    . GLY A 1 51 ? -4.453  9.030   -8.487  1.00 0.00 ? 71 GLY A N    1 
ATOM 697 C CA   . GLY A 1 51 ? -5.343  10.155  -8.263  1.00 0.00 ? 71 GLY A CA   1 
ATOM 698 C C    . GLY A 1 51 ? -5.318  10.651  -6.833  1.00 0.00 ? 71 GLY A C    1 
ATOM 699 O O    . GLY A 1 51 ? -5.171  11.849  -6.587  1.00 0.00 ? 71 GLY A O    1 
ATOM 700 H H    . GLY A 1 51 ? -3.525  9.188   -8.759  1.00 0.00 ? 71 GLY A H    1 
ATOM 701 H HA2  . GLY A 1 51 ? -5.055  10.965  -8.918  1.00 0.00 ? 71 GLY A HA2  1 
ATOM 702 H HA3  . GLY A 1 51 ? -6.351  9.852   -8.510  1.00 0.00 ? 71 GLY A HA3  1 
ATOM 703 N N    . PHE A 1 52 ? -5.452  9.729   -5.888  1.00 0.00 ? 72 PHE A N    1 
ATOM 704 C CA   . PHE A 1 52 ? -5.469  10.080  -4.474  1.00 0.00 ? 72 PHE A CA   1 
ATOM 705 C C    . PHE A 1 52 ? -4.060  10.419  -3.999  1.00 0.00 ? 72 PHE A C    1 
ATOM 706 O O    . PHE A 1 52 ? -3.091  10.303  -4.753  1.00 0.00 ? 72 PHE A O    1 
ATOM 707 C CB   . PHE A 1 52 ? -6.008  8.920   -3.629  1.00 0.00 ? 72 PHE A CB   1 
ATOM 708 C CG   . PHE A 1 52 ? -7.307  8.339   -4.103  1.00 0.00 ? 72 PHE A CG   1 
ATOM 709 C CD1  . PHE A 1 52 ? -8.508  8.791   -3.587  1.00 0.00 ? 72 PHE A CD1  1 
ATOM 710 C CD2  . PHE A 1 52 ? -7.326  7.336   -5.061  1.00 0.00 ? 72 PHE A CD2  1 
ATOM 711 C CE1  . PHE A 1 52 ? -9.703  8.257   -4.017  1.00 0.00 ? 72 PHE A CE1  1 
ATOM 712 C CE2  . PHE A 1 52 ? -8.520  6.798   -5.496  1.00 0.00 ? 72 PHE A CE2  1 
ATOM 713 C CZ   . PHE A 1 52 ? -9.711  7.259   -4.974  1.00 0.00 ? 72 PHE A CZ   1 
ATOM 714 H H    . PHE A 1 52 ? -5.538  8.788   -6.149  1.00 0.00 ? 72 PHE A H    1 
ATOM 715 H HA   . PHE A 1 52 ? -6.105  10.944  -4.345  1.00 0.00 ? 72 PHE A HA   1 
ATOM 716 H HB2  . PHE A 1 52 ? -5.279  8.127   -3.619  1.00 0.00 ? 72 PHE A HB2  1 
ATOM 717 H HB3  . PHE A 1 52 ? -6.155  9.269   -2.616  1.00 0.00 ? 72 PHE A HB3  1 
ATOM 718 H HD1  . PHE A 1 52 ? -8.503  9.569   -2.838  1.00 0.00 ? 72 PHE A HD1  1 
ATOM 719 H HD2  . PHE A 1 52 ? -6.391  6.974   -5.467  1.00 0.00 ? 72 PHE A HD2  1 
ATOM 720 H HE1  . PHE A 1 52 ? -10.635 8.618   -3.606  1.00 0.00 ? 72 PHE A HE1  1 
ATOM 721 H HE2  . PHE A 1 52 ? -8.522  6.018   -6.243  1.00 0.00 ? 72 PHE A HE2  1 
ATOM 722 H HZ   . PHE A 1 52 ? -10.648 6.840   -5.312  1.00 0.00 ? 72 PHE A HZ   1 
ATOM 723 N N    . GLU A 1 53 ? -3.950  10.825  -2.747  1.00 0.00 ? 73 GLU A N    1 
ATOM 724 C CA   . GLU A 1 53 ? -2.663  11.135  -2.162  1.00 0.00 ? 73 GLU A CA   1 
ATOM 725 C C    . GLU A 1 53 ? -2.330  10.118  -1.084  1.00 0.00 ? 73 GLU A C    1 
ATOM 726 O O    . GLU A 1 53 ? -3.093  9.934   -0.143  1.00 0.00 ? 73 GLU A O    1 
ATOM 727 C CB   . GLU A 1 53 ? -2.672  12.537  -1.565  1.00 0.00 ? 73 GLU A CB   1 
ATOM 728 C CG   . GLU A 1 53 ? -1.358  12.904  -0.901  1.00 0.00 ? 73 GLU A CG   1 
ATOM 729 C CD   . GLU A 1 53 ? -0.209  12.992  -1.883  1.00 0.00 ? 73 GLU A CD   1 
ATOM 730 O OE1  . GLU A 1 53 ? -0.332  13.738  -2.878  1.00 0.00 ? 73 GLU A OE1  1 
ATOM 731 O OE2  . GLU A 1 53 ? 0.829   12.338  -1.654  1.00 0.00 ? 73 GLU A OE2  1 
ATOM 732 H H    . GLU A 1 53 ? -4.760  10.910  -2.194  1.00 0.00 ? 73 GLU A H    1 
ATOM 733 H HA   . GLU A 1 53 ? -1.916  11.085  -2.939  1.00 0.00 ? 73 GLU A HA   1 
ATOM 734 H HB2  . GLU A 1 53 ? -2.866  13.249  -2.354  1.00 0.00 ? 73 GLU A HB2  1 
ATOM 735 H HB3  . GLU A 1 53 ? -3.462  12.602  -0.827  1.00 0.00 ? 73 GLU A HB3  1 
ATOM 736 H HG2  . GLU A 1 53 ? -1.468  13.851  -0.418  1.00 0.00 ? 73 GLU A HG2  1 
ATOM 737 H HG3  . GLU A 1 53 ? -1.123  12.149  -0.162  1.00 0.00 ? 73 GLU A HG3  1 
ATOM 738 N N    . VAL A 1 54 ? -1.188  9.473   -1.211  1.00 0.00 ? 74 VAL A N    1 
ATOM 739 C CA   . VAL A 1 54 ? -0.802  8.452   -0.253  1.00 0.00 ? 74 VAL A CA   1 
ATOM 740 C C    . VAL A 1 54 ? -0.427  9.102   1.065   1.00 0.00 ? 74 VAL A C    1 
ATOM 741 O O    . VAL A 1 54 ? 0.622   9.731   1.204   1.00 0.00 ? 74 VAL A O    1 
ATOM 742 C CB   . VAL A 1 54 ? 0.339   7.542   -0.766  1.00 0.00 ? 74 VAL A CB   1 
ATOM 743 C CG1  . VAL A 1 54 ? 1.368   8.339   -1.546  1.00 0.00 ? 74 VAL A CG1  1 
ATOM 744 C CG2  . VAL A 1 54 ? 0.984   6.795   0.394   1.00 0.00 ? 74 VAL A CG2  1 
ATOM 745 H H    . VAL A 1 54 ? -0.575  9.722   -1.932  1.00 0.00 ? 74 VAL A H    1 
ATOM 746 H HA   . VAL A 1 54 ? -1.668  7.827   -0.078  1.00 0.00 ? 74 VAL A HA   1 
ATOM 747 H HB   . VAL A 1 54 ? -0.091  6.812   -1.435  1.00 0.00 ? 74 VAL A HB   1 
ATOM 748 H HG11 . VAL A 1 54 ? 1.713   9.168   -0.946  1.00 0.00 ? 74 VAL A HG11 1 
ATOM 749 H HG12 . VAL A 1 54 ? 2.208   7.702   -1.800  1.00 0.00 ? 74 VAL A HG12 1 
ATOM 750 H HG13 . VAL A 1 54 ? 0.915   8.712   -2.453  1.00 0.00 ? 74 VAL A HG13 1 
ATOM 751 H HG21 . VAL A 1 54 ? 1.323   7.508   1.134   1.00 0.00 ? 74 VAL A HG21 1 
ATOM 752 H HG22 . VAL A 1 54 ? 0.258   6.132   0.842   1.00 0.00 ? 74 VAL A HG22 1 
ATOM 753 H HG23 . VAL A 1 54 ? 1.823   6.220   0.033   1.00 0.00 ? 74 VAL A HG23 1 
ATOM 754 N N    . THR A 1 55 ? -1.316  8.962   2.017   1.00 0.00 ? 75 THR A N    1 
ATOM 755 C CA   . THR A 1 55 ? -1.169  9.603   3.294   1.00 0.00 ? 75 THR A CA   1 
ATOM 756 C C    . THR A 1 55 ? -0.498  8.670   4.292   1.00 0.00 ? 75 THR A C    1 
ATOM 757 O O    . THR A 1 55 ? 0.145   9.114   5.244   1.00 0.00 ? 75 THR A O    1 
ATOM 758 C CB   . THR A 1 55 ? -2.549  10.047  3.819   1.00 0.00 ? 75 THR A CB   1 
ATOM 759 O OG1  . THR A 1 55 ? -3.476  8.953   3.769   1.00 0.00 ? 75 THR A OG1  1 
ATOM 760 C CG2  . THR A 1 55 ? -3.078  11.197  2.988   1.00 0.00 ? 75 THR A CG2  1 
ATOM 761 H H    . THR A 1 55 ? -2.108  8.402   1.854   1.00 0.00 ? 75 THR A H    1 
ATOM 762 H HA   . THR A 1 55 ? -0.557  10.481  3.155   1.00 0.00 ? 75 THR A HA   1 
ATOM 763 H HB   . THR A 1 55 ? -2.455  10.375  4.835   1.00 0.00 ? 75 THR A HB   1 
ATOM 764 H HG1  . THR A 1 55 ? -4.362  9.281   3.956   1.00 0.00 ? 75 THR A HG1  1 
ATOM 765 H HG21 . THR A 1 55 ? -3.171  10.882  1.960   1.00 0.00 ? 75 THR A HG21 1 
ATOM 766 H HG22 . THR A 1 55 ? -4.046  11.493  3.363   1.00 0.00 ? 75 THR A HG22 1 
ATOM 767 H HG23 . THR A 1 55 ? -2.395  12.029  3.052   1.00 0.00 ? 75 THR A HG23 1 
ATOM 768 N N    . ARG A 1 56 ? -0.649  7.367   4.063   1.00 0.00 ? 76 ARG A N    1 
ATOM 769 C CA   . ARG A 1 56 ? -0.138  6.364   4.995   1.00 0.00 ? 76 ARG A CA   1 
ATOM 770 C C    . ARG A 1 56 ? 0.311   5.117   4.252   1.00 0.00 ? 76 ARG A C    1 
ATOM 771 O O    . ARG A 1 56 ? -0.108  4.891   3.124   1.00 0.00 ? 76 ARG A O    1 
ATOM 772 C CB   . ARG A 1 56 ? -1.229  5.963   5.994   1.00 0.00 ? 76 ARG A CB   1 
ATOM 773 C CG   . ARG A 1 56 ? -2.269  7.042   6.228   1.00 0.00 ? 76 ARG A CG   1 
ATOM 774 C CD   . ARG A 1 56 ? -3.390  6.586   7.142   1.00 0.00 ? 76 ARG A CD   1 
ATOM 775 N NE   . ARG A 1 56 ? -4.542  7.479   7.036   1.00 0.00 ? 76 ARG A NE   1 
ATOM 776 C CZ   . ARG A 1 56 ? -5.202  7.986   8.073   1.00 0.00 ? 76 ARG A CZ   1 
ATOM 777 N NH1  . ARG A 1 56 ? -4.832  7.690   9.314   1.00 0.00 ? 76 ARG A NH1  1 
ATOM 778 N NH2  . ARG A 1 56 ? -6.227  8.802   7.862   1.00 0.00 ? 76 ARG A NH2  1 
ATOM 779 H H    . ARG A 1 56 ? -1.114  7.074   3.244   1.00 0.00 ? 76 ARG A H    1 
ATOM 780 H HA   . ARG A 1 56 ? 0.699   6.786   5.531   1.00 0.00 ? 76 ARG A HA   1 
ATOM 781 H HB2  . ARG A 1 56 ? -1.731  5.080   5.622   1.00 0.00 ? 76 ARG A HB2  1 
ATOM 782 H HB3  . ARG A 1 56 ? -0.763  5.728   6.937   1.00 0.00 ? 76 ARG A HB3  1 
ATOM 783 H HG2  . ARG A 1 56 ? -1.787  7.895   6.671   1.00 0.00 ? 76 ARG A HG2  1 
ATOM 784 H HG3  . ARG A 1 56 ? -2.691  7.327   5.273   1.00 0.00 ? 76 ARG A HG3  1 
ATOM 785 H HD2  . ARG A 1 56 ? -3.686  5.585   6.861   1.00 0.00 ? 76 ARG A HD2  1 
ATOM 786 H HD3  . ARG A 1 56 ? -3.031  6.586   8.162   1.00 0.00 ? 76 ARG A HD3  1 
ATOM 787 H HE   . ARG A 1 56 ? -4.840  7.718   6.130   1.00 0.00 ? 76 ARG A HE   1 
ATOM 788 H HH11 . ARG A 1 56 ? -4.056  7.079   9.475   1.00 0.00 ? 76 ARG A HH11 1 
ATOM 789 H HH12 . ARG A 1 56 ? -5.330  8.079   10.099  1.00 0.00 ? 76 ARG A HH12 1 
ATOM 790 H HH21 . ARG A 1 56 ? -6.506  9.034   6.917   1.00 0.00 ? 76 ARG A HH21 1 
ATOM 791 H HH22 . ARG A 1 56 ? -6.735  9.199   8.641   1.00 0.00 ? 76 ARG A HH22 1 
ATOM 792 N N    . VAL A 1 57 ? 1.174   4.322   4.880   1.00 0.00 ? 77 VAL A N    1 
ATOM 793 C CA   . VAL A 1 57 ? 1.480   2.975   4.402   1.00 0.00 ? 77 VAL A CA   1 
ATOM 794 C C    . VAL A 1 57 ? 1.673   2.045   5.602   1.00 0.00 ? 77 VAL A C    1 
ATOM 795 O O    . VAL A 1 57 ? 2.489   2.319   6.482   1.00 0.00 ? 77 VAL A O    1 
ATOM 796 C CB   . VAL A 1 57 ? 2.745   2.912   3.512   1.00 0.00 ? 77 VAL A CB   1 
ATOM 797 C CG1  . VAL A 1 57 ? 2.910   1.517   2.930   1.00 0.00 ? 77 VAL A CG1  1 
ATOM 798 C CG2  . VAL A 1 57 ? 2.703   3.950   2.402   1.00 0.00 ? 77 VAL A CG2  1 
ATOM 799 H H    . VAL A 1 57 ? 1.625   4.649   5.688   1.00 0.00 ? 77 VAL A H    1 
ATOM 800 H HA   . VAL A 1 57 ? 0.634   2.629   3.822   1.00 0.00 ? 77 VAL A HA   1 
ATOM 801 H HB   . VAL A 1 57 ? 3.603   3.114   4.126   1.00 0.00 ? 77 VAL A HB   1 
ATOM 802 H HG11 . VAL A 1 57 ? 2.031   1.263   2.357   1.00 0.00 ? 77 VAL A HG11 1 
ATOM 803 H HG12 . VAL A 1 57 ? 3.780   1.493   2.288   1.00 0.00 ? 77 VAL A HG12 1 
ATOM 804 H HG13 . VAL A 1 57 ? 3.034   0.806   3.733   1.00 0.00 ? 77 VAL A HG13 1 
ATOM 805 H HG21 . VAL A 1 57 ? 2.600   4.935   2.836   1.00 0.00 ? 77 VAL A HG21 1 
ATOM 806 H HG22 . VAL A 1 57 ? 3.616   3.902   1.826   1.00 0.00 ? 77 VAL A HG22 1 
ATOM 807 H HG23 . VAL A 1 57 ? 1.860   3.753   1.755   1.00 0.00 ? 77 VAL A HG23 1 
ATOM 808 N N    . ARG A 1 58 ? 0.909   0.958   5.641   1.00 0.00 ? 78 ARG A N    1 
ATOM 809 C CA   . ARG A 1 58 ? 0.952   0.021   6.765   1.00 0.00 ? 78 ARG A CA   1 
ATOM 810 C C    . ARG A 1 58 ? 1.255   -1.380  6.274   1.00 0.00 ? 78 ARG A C    1 
ATOM 811 O O    . ARG A 1 58 ? 0.936   -1.734  5.150   1.00 0.00 ? 78 ARG A O    1 
ATOM 812 C CB   . ARG A 1 58 ? -0.395  0.022   7.498   1.00 0.00 ? 78 ARG A CB   1 
ATOM 813 C CG   . ARG A 1 58 ? -1.534  -0.557  6.668   1.00 0.00 ? 78 ARG A CG   1 
ATOM 814 C CD   . ARG A 1 58 ? -2.861  -0.505  7.404   1.00 0.00 ? 78 ARG A CD   1 
ATOM 815 N NE   . ARG A 1 58 ? -3.989  -0.745  6.503   1.00 0.00 ? 78 ARG A NE   1 
ATOM 816 C CZ   . ARG A 1 58 ? -4.714  -1.863  6.475   1.00 0.00 ? 78 ARG A CZ   1 
ATOM 817 N NH1  . ARG A 1 58 ? -4.428  -2.874  7.285   1.00 0.00 ? 78 ARG A NH1  1 
ATOM 818 N NH2  . ARG A 1 58 ? -5.721  -1.973  5.619   1.00 0.00 ? 78 ARG A NH2  1 
ATOM 819 H H    . ARG A 1 58 ? 0.297   0.776   4.892   1.00 0.00 ? 78 ARG A H    1 
ATOM 820 H HA   . ARG A 1 58 ? 1.739   0.325   7.443   1.00 0.00 ? 78 ARG A HA   1 
ATOM 821 H HB2  . ARG A 1 58 ? -0.301  -0.565  8.400   1.00 0.00 ? 78 ARG A HB2  1 
ATOM 822 H HB3  . ARG A 1 58 ? -0.649  1.037   7.764   1.00 0.00 ? 78 ARG A HB3  1 
ATOM 823 H HG2  . ARG A 1 58 ? -1.623  -0.002  5.749   1.00 0.00 ? 78 ARG A HG2  1 
ATOM 824 H HG3  . ARG A 1 58 ? -1.303  -1.588  6.440   1.00 0.00 ? 78 ARG A HG3  1 
ATOM 825 H HD2  . ARG A 1 58 ? -2.862  -1.261  8.178   1.00 0.00 ? 78 ARG A HD2  1 
ATOM 826 H HD3  . ARG A 1 58 ? -2.971  0.469   7.855   1.00 0.00 ? 78 ARG A HD3  1 
ATOM 827 H HE   . ARG A 1 58 ? -4.231  -0.010  5.880   1.00 0.00 ? 78 ARG A HE   1 
ATOM 828 H HH11 . ARG A 1 58 ? -3.663  -2.809  7.932   1.00 0.00 ? 78 ARG A HH11 1 
ATOM 829 H HH12 . ARG A 1 58 ? -4.984  -3.718  7.255   1.00 0.00 ? 78 ARG A HH12 1 
ATOM 830 H HH21 . ARG A 1 58 ? -5.941  -1.207  4.993   1.00 0.00 ? 78 ARG A HH21 1 
ATOM 831 H HH22 . ARG A 1 58 ? -6.272  -2.816  5.583   1.00 0.00 ? 78 ARG A HH22 1 
ATOM 832 N N    . PRO A 1 59 ? 1.896   -2.192  7.109   1.00 0.00 ? 79 PRO A N    1 
ATOM 833 C CA   . PRO A 1 59 ? 2.210   -3.573  6.782   1.00 0.00 ? 79 PRO A CA   1 
ATOM 834 C C    . PRO A 1 59 ? 1.031   -4.510  7.016   1.00 0.00 ? 79 PRO A C    1 
ATOM 835 O O    . PRO A 1 59 ? 0.444   -4.527  8.100   1.00 0.00 ? 79 PRO A O    1 
ATOM 836 C CB   . PRO A 1 59 ? 3.367   -3.911  7.733   1.00 0.00 ? 79 PRO A CB   1 
ATOM 837 C CG   . PRO A 1 59 ? 3.635   -2.667  8.529   1.00 0.00 ? 79 PRO A CG   1 
ATOM 838 C CD   . PRO A 1 59 ? 2.402   -1.826  8.428   1.00 0.00 ? 79 PRO A CD   1 
ATOM 839 H HA   . PRO A 1 59 ? 2.545   -3.670  5.758   1.00 0.00 ? 79 PRO A HA   1 
ATOM 840 H HB2  . PRO A 1 59 ? 3.081   -4.731  8.368   1.00 0.00 ? 79 PRO A HB2  1 
ATOM 841 H HB3  . PRO A 1 59 ? 4.228   -4.193  7.148   1.00 0.00 ? 79 PRO A HB3  1 
ATOM 842 H HG2  . PRO A 1 59 ? 3.829   -2.922  9.559   1.00 0.00 ? 79 PRO A HG2  1 
ATOM 843 H HG3  . PRO A 1 59 ? 4.478   -2.138  8.109   1.00 0.00 ? 79 PRO A HG3  1 
ATOM 844 H HD2  . PRO A 1 59 ? 1.697   -2.084  9.204   1.00 0.00 ? 79 PRO A HD2  1 
ATOM 845 H HD3  . PRO A 1 59 ? 2.652   -0.775  8.470   1.00 0.00 ? 79 PRO A HD3  1 
ATOM 846 N N    . CYS A 1 60 ? 0.678   -5.276  5.987   1.00 0.00 ? 80 CYS A N    1 
ATOM 847 C CA   . CYS A 1 60 ? -0.392  -6.257  6.095   1.00 0.00 ? 80 CYS A CA   1 
ATOM 848 C C    . CYS A 1 60 ? 0.119   -7.463  6.871   1.00 0.00 ? 80 CYS A C    1 
ATOM 849 O O    . CYS A 1 60 ? -0.604  -8.023  7.694   1.00 0.00 ? 80 CYS A O    1 
ATOM 850 C CB   . CYS A 1 60 ? -0.879  -6.679  4.701   1.00 0.00 ? 80 CYS A CB   1 
ATOM 851 S SG   . CYS A 1 60 ? -2.423  -7.622  4.690   1.00 0.00 ? 80 CYS A SG   1 
ATOM 852 H H    . CYS A 1 60 ? 1.157   -5.184  5.133   1.00 0.00 ? 80 CYS A H    1 
ATOM 853 H HA   . CYS A 1 60 ? -1.209  -5.806  6.640   1.00 0.00 ? 80 CYS A HA   1 
ATOM 854 H HB2  . CYS A 1 60 ? -1.034  -5.797  4.101   1.00 0.00 ? 80 CYS A HB2  1 
ATOM 855 H HB3  . CYS A 1 60 ? -0.123  -7.295  4.234   1.00 0.00 ? 80 CYS A HB3  1 
ATOM 856 H HG   . CYS A 1 60 ? -2.973  -7.537  5.897   1.00 0.00 ? 80 CYS A HG   1 
ATOM 857 N N    . VAL A 1 61 ? 1.388   -7.820  6.601   1.00 0.00 ? 81 VAL A N    1 
ATOM 858 C CA   . VAL A 1 61 ? 2.111   -8.905  7.292   1.00 0.00 ? 81 VAL A CA   1 
ATOM 859 C C    . VAL A 1 61 ? 1.203   -10.056 7.715   1.00 0.00 ? 81 VAL A C    1 
ATOM 860 O O    . VAL A 1 61 ? 1.160   -10.449 8.884   1.00 0.00 ? 81 VAL A O    1 
ATOM 861 C CB   . VAL A 1 61 ? 2.927   -8.390  8.505   1.00 0.00 ? 81 VAL A CB   1 
ATOM 862 C CG1  . VAL A 1 61 ? 4.100   -7.547  8.027   1.00 0.00 ? 81 VAL A CG1  1 
ATOM 863 C CG2  . VAL A 1 61 ? 2.065   -7.586  9.473   1.00 0.00 ? 81 VAL A CG2  1 
ATOM 864 H H    . VAL A 1 61 ? 1.861   -7.327  5.900   1.00 0.00 ? 81 VAL A H    1 
ATOM 865 H HA   . VAL A 1 61 ? 2.817   -9.301  6.578   1.00 0.00 ? 81 VAL A HA   1 
ATOM 866 H HB   . VAL A 1 61 ? 3.324   -9.245  9.034   1.00 0.00 ? 81 VAL A HB   1 
ATOM 867 H HG11 . VAL A 1 61 ? 4.725   -8.139  7.377   1.00 0.00 ? 81 VAL A HG11 1 
ATOM 868 H HG12 . VAL A 1 61 ? 3.730   -6.688  7.485   1.00 0.00 ? 81 VAL A HG12 1 
ATOM 869 H HG13 . VAL A 1 61 ? 4.676   -7.216  8.878   1.00 0.00 ? 81 VAL A HG13 1 
ATOM 870 H HG21 . VAL A 1 61 ? 1.247   -8.199  9.819   1.00 0.00 ? 81 VAL A HG21 1 
ATOM 871 H HG22 . VAL A 1 61 ? 2.665   -7.277  10.316  1.00 0.00 ? 81 VAL A HG22 1 
ATOM 872 H HG23 . VAL A 1 61 ? 1.674   -6.713  8.970   1.00 0.00 ? 81 VAL A HG23 1 
ATOM 873 N N    . ALA A 1 62 ? 0.495   -10.600 6.745   1.00 0.00 ? 82 ALA A N    1 
ATOM 874 C CA   . ALA A 1 62 ? -0.443  -11.672 6.988   1.00 0.00 ? 82 ALA A CA   1 
ATOM 875 C C    . ALA A 1 62 ? -0.209  -12.786 5.988   1.00 0.00 ? 82 ALA A C    1 
ATOM 876 O O    . ALA A 1 62 ? 0.177   -12.525 4.858   1.00 0.00 ? 82 ALA A O    1 
ATOM 877 C CB   . ALA A 1 62 ? -1.862  -11.143 6.866   1.00 0.00 ? 82 ALA A CB   1 
ATOM 878 H H    . ALA A 1 62 ? 0.613   -10.277 5.828   1.00 0.00 ? 82 ALA A H    1 
ATOM 879 H HA   . ALA A 1 62 ? -0.296  -12.045 7.990   1.00 0.00 ? 82 ALA A HA   1 
ATOM 880 H HB1  . ALA A 1 62 ? -2.017  -10.359 7.593   1.00 0.00 ? 82 ALA A HB1  1 
ATOM 881 H HB2  . ALA A 1 62 ? -2.010  -10.746 5.871   1.00 0.00 ? 82 ALA A HB2  1 
ATOM 882 H HB3  . ALA A 1 62 ? -2.564  -11.945 7.044   1.00 0.00 ? 82 ALA A HB3  1 
ATOM 883 N N    . PRO A 1 63 ? -0.411  -14.045 6.396   1.00 0.00 ? 83 PRO A N    1 
ATOM 884 C CA   . PRO A 1 63 ? -0.275  -15.192 5.497   1.00 0.00 ? 83 PRO A CA   1 
ATOM 885 C C    . PRO A 1 63 ? -1.480  -15.342 4.571   1.00 0.00 ? 83 PRO A C    1 
ATOM 886 O O    . PRO A 1 63 ? -1.490  -16.186 3.673   1.00 0.00 ? 83 PRO A O    1 
ATOM 887 C CB   . PRO A 1 63 ? -0.187  -16.376 6.458   1.00 0.00 ? 83 PRO A CB   1 
ATOM 888 C CG   . PRO A 1 63 ? -0.961  -15.945 7.656   1.00 0.00 ? 83 PRO A CG   1 
ATOM 889 C CD   . PRO A 1 63 ? -0.766  -14.456 7.770   1.00 0.00 ? 83 PRO A CD   1 
ATOM 890 H HA   . PRO A 1 63 ? 0.626   -15.133 4.907   1.00 0.00 ? 83 PRO A HA   1 
ATOM 891 H HB2  . PRO A 1 63 ? -0.624  -17.250 5.996   1.00 0.00 ? 83 PRO A HB2  1 
ATOM 892 H HB3  . PRO A 1 63 ? 0.844   -16.567 6.704   1.00 0.00 ? 83 PRO A HB3  1 
ATOM 893 H HG2  . PRO A 1 63 ? -2.005  -16.178 7.521   1.00 0.00 ? 83 PRO A HG2  1 
ATOM 894 H HG3  . PRO A 1 63 ? -0.577  -16.441 8.537   1.00 0.00 ? 83 PRO A HG3  1 
ATOM 895 H HD2  . PRO A 1 63 ? -1.682  -13.978 8.089   1.00 0.00 ? 83 PRO A HD2  1 
ATOM 896 H HD3  . PRO A 1 63 ? 0.036   -14.233 8.457   1.00 0.00 ? 83 PRO A HD3  1 
ATOM 897 N N    . LYS A 1 64 ? -2.497  -14.522 4.807   1.00 0.00 ? 84 LYS A N    1 
ATOM 898 C CA   . LYS A 1 64 ? -3.729  -14.580 4.041   1.00 0.00 ? 84 LYS A CA   1 
ATOM 899 C C    . LYS A 1 64 ? -4.224  -13.171 3.723   1.00 0.00 ? 84 LYS A C    1 
ATOM 900 O O    . LYS A 1 64 ? -3.717  -12.561 2.758   1.00 0.00 ? 84 LYS A O    1 
ATOM 901 C CB   . LYS A 1 64 ? -4.799  -15.341 4.831   1.00 0.00 ? 84 LYS A CB   1 
ATOM 902 C CG   . LYS A 1 64 ? -4.416  -16.777 5.162   1.00 0.00 ? 84 LYS A CG   1 
ATOM 903 C CD   . LYS A 1 64 ? -5.420  -17.423 6.106   1.00 0.00 ? 84 LYS A CD   1 
ATOM 904 C CE   . LYS A 1 64 ? -5.485  -16.688 7.435   1.00 0.00 ? 84 LYS A CE   1 
ATOM 905 N NZ   . LYS A 1 64 ? -6.503  -17.273 8.348   1.00 0.00 ? 84 LYS A NZ   1 
ATOM 906 O OXT  . LYS A 1 64 ? -5.123  -12.679 4.438   1.00 0.00 ? 84 LYS A OXT  1 
ATOM 907 H H    . LYS A 1 64 ? -2.411  -13.849 5.514   1.00 0.00 ? 84 LYS A H    1 
ATOM 908 H HA   . LYS A 1 64 ? -3.529  -15.105 3.119   1.00 0.00 ? 84 LYS A HA   1 
ATOM 909 H HB2  . LYS A 1 64 ? -4.985  -14.819 5.758   1.00 0.00 ? 84 LYS A HB2  1 
ATOM 910 H HB3  . LYS A 1 64 ? -5.710  -15.361 4.253   1.00 0.00 ? 84 LYS A HB3  1 
ATOM 911 H HG2  . LYS A 1 64 ? -4.378  -17.349 4.244   1.00 0.00 ? 84 LYS A HG2  1 
ATOM 912 H HG3  . LYS A 1 64 ? -3.442  -16.782 5.628   1.00 0.00 ? 84 LYS A HG3  1 
ATOM 913 H HD2  . LYS A 1 64 ? -6.396  -17.404 5.646   1.00 0.00 ? 84 LYS A HD2  1 
ATOM 914 H HD3  . LYS A 1 64 ? -5.125  -18.447 6.285   1.00 0.00 ? 84 LYS A HD3  1 
ATOM 915 H HE2  . LYS A 1 64 ? -4.517  -16.743 7.909   1.00 0.00 ? 84 LYS A HE2  1 
ATOM 916 H HE3  . LYS A 1 64 ? -5.735  -15.654 7.247   1.00 0.00 ? 84 LYS A HE3  1 
ATOM 917 H HZ1  . LYS A 1 64 ? -6.285  -18.277 8.532   1.00 0.00 ? 84 LYS A HZ1  1 
ATOM 918 H HZ2  . LYS A 1 64 ? -6.501  -16.761 9.257   1.00 0.00 ? 84 LYS A HZ2  1 
ATOM 919 H HZ3  . LYS A 1 64 ? -7.451  -17.204 7.922   1.00 0.00 ? 84 LYS A HZ3  1 
# 
